data_9FHC
#
_entry.id   9FHC
#
_cell.length_a   227.460
_cell.length_b   227.460
_cell.length_c   227.460
_cell.angle_alpha   90.00
_cell.angle_beta   90.00
_cell.angle_gamma   90.00
#
_symmetry.space_group_name_H-M   'I 2 3'
#
loop_
_entity.id
_entity.type
_entity.pdbx_description
1 polymer 'Multidrug efflux pump subunit AcrB'
2 polymer DARPIN
3 non-polymer '(4S,4AS,5AR,12AS)-4,7-BIS(DIMETHYLAMINO)-3,10,12,12A-TETRAHYDROXY-1,11-DIOXO-1,4,4A,5,5A,6,11,12A-OCTAHYDROTETRACENE-2- CARBOXAMIDE'
4 water water
#
loop_
_entity_poly.entity_id
_entity_poly.type
_entity_poly.pdbx_seq_one_letter_code
_entity_poly.pdbx_strand_id
1 'polypeptide(L)'
;MPNFFIDRPIFAWVIAIIIMLAGGLAILKLPVAQYPTIAPPAVTISASYPGADAKTVQDTVTQVIEQNMNGIDNLMYMSS
NSDSTGTVQITLTFESGTDADIAQVQVQNKLQLAMPLLPQEVQQQGVSVEKSSSSFLMVVGVINTDGTMTQEDISDYVAA
NMKDAISRTSGVGDVQLFGSQYAMRIWMNPNELNKFQLTPVDVITAIKAQNAQVAAGQLGGTPPVKGQQLNASIIAQTRL
TSTEEFGKILLKVNQDGSRVLLRDVAKIELGGENYDIIAEFNGQPASGLGIKLATGANALDTAAAIRAELAKMEPFFPSG
LKIVYPYDTTPFVKISIHEVVKTLVEAIILVFLVMYLFLQNFRATLIPTIAVPVVLLGTFAVLAAFGFSINTLTMFGMVL
AIGLLVDDAIVVVENVERVMAEEGLPPKEATRKSMGQIQGALVGIAMVLSAVFVPMAFFGGSTGAIYRQFSITIVSAMAL
SVLVALILTPALCATMLKPIAKGDHGEGKKGFFGWFNRMFEKSTHHYTDSVGGILRSTGRYLVLYLIIVVGMAYLFVRLP
SSFLPDEDQGVFMTMVQLPAGATQERTQKVLNEVTHYYLTKEKNNVESVFAFNGFGFAGRGQNTGIAFVSLKDWADRPGE
ENKVEAITMRATRAFSQIKDAMVFAFNLPAIVELGTATGFDFELIDQAGLGHEKLTQARNQLLAEAAKHPDMLTSVRPNG
LEDTPQFKIDIDQEKAQALGVSINDINTTLGAAWGGSYVNDFIDRGRVKKVYVMSEAKYRMLPDDIGDWYVRAADGQMVP
FSAFSSSRWEYGSPRLERYNGLPSMEILGQAAPGKSTGEAMELMEQLASKLPTGVGYDWTGMSYQERLSGNQAPSLYAIS
LIVVFLCLAALYESWSIPFSVMLVVPLGVIGALLAATFRGLTNDVYFQVGLLTTIGLSAKNAILIVEFAKDLMDKEGKGL
IEATLDAVRMRLRPILMTSLAFILGVMPLVISTGAGSGAQNAVGTGVMGGMVTATVLAIFFVPVFFVVVRRRFSRKNEDI
EHSHTVDHHLEHHHHHH
;
A
2 'polypeptide(L)'
;MRGSHHHHHHGSDLGKKLLEAARAGRDDEVRILMANGADVNAADVVGWTPLHLAAYWGHLEIVEVLLKNGADVNAYDTLG
STPLHLAAHFGHLEIVEVLLKNGADVNAKDDNGITPLHLAANRGHLEIVEVLLKYGADVNAQDKFGKTAFDISINNGNED
LAEILQKLN
;
B
#
loop_
_chem_comp.id
_chem_comp.type
_chem_comp.name
_chem_comp.formula
MIY non-polymer '(4S,4AS,5AR,12AS)-4,7-BIS(DIMETHYLAMINO)-3,10,12,12A-TETRAHYDROXY-1,11-DIOXO-1,4,4A,5,5A,6,11,12A-OCTAHYDROTETRACENE-2- CARBOXAMIDE' 'C23 H27 N3 O7'
#
# COMPACT_ATOMS: atom_id res chain seq x y z
N MET A 1 44.60 -16.79 -18.35
CA MET A 1 44.39 -15.43 -17.85
C MET A 1 45.15 -15.13 -16.56
N PRO A 2 45.09 -16.00 -15.54
CA PRO A 2 45.91 -15.74 -14.33
C PRO A 2 47.41 -15.70 -14.64
N ASN A 3 47.89 -16.59 -15.50
CA ASN A 3 49.32 -16.58 -15.84
C ASN A 3 49.70 -15.26 -16.52
N PHE A 4 48.89 -14.83 -17.48
CA PHE A 4 49.12 -13.56 -18.17
C PHE A 4 49.32 -12.41 -17.18
N PHE A 5 48.44 -12.33 -16.17
CA PHE A 5 48.50 -11.18 -15.27
C PHE A 5 49.50 -11.37 -14.13
N ILE A 6 49.85 -12.62 -13.78
CA ILE A 6 50.99 -12.81 -12.87
C ILE A 6 52.25 -12.16 -13.43
N ASP A 7 52.42 -12.22 -14.76
CA ASP A 7 53.57 -11.61 -15.43
C ASP A 7 53.37 -10.13 -15.73
N ARG A 8 52.18 -9.57 -15.50
CA ARG A 8 51.90 -8.17 -15.74
C ARG A 8 51.09 -7.60 -14.57
N PRO A 9 51.70 -7.52 -13.39
CA PRO A 9 50.92 -7.07 -12.22
C PRO A 9 50.42 -5.65 -12.33
N ILE A 10 51.00 -4.82 -13.20
CA ILE A 10 50.52 -3.45 -13.31
C ILE A 10 49.34 -3.38 -14.25
N PHE A 11 49.33 -4.25 -15.26
CA PHE A 11 48.13 -4.34 -16.12
C PHE A 11 46.97 -4.84 -15.24
N ALA A 12 47.28 -5.75 -14.32
CA ALA A 12 46.22 -6.25 -13.45
C ALA A 12 45.71 -5.15 -12.54
N TRP A 13 46.61 -4.38 -11.93
CA TRP A 13 46.19 -3.23 -11.14
C TRP A 13 45.38 -2.24 -11.98
N VAL A 14 45.72 -2.10 -13.27
CA VAL A 14 45.04 -1.09 -14.09
C VAL A 14 43.59 -1.51 -14.35
N ILE A 15 43.37 -2.80 -14.59
CA ILE A 15 42.01 -3.30 -14.74
C ILE A 15 41.24 -3.14 -13.43
N ALA A 16 41.88 -3.43 -12.29
CA ALA A 16 41.19 -3.24 -11.02
C ALA A 16 40.80 -1.78 -10.80
N ILE A 17 41.68 -0.85 -11.16
CA ILE A 17 41.41 0.56 -10.90
C ILE A 17 40.34 1.09 -11.84
N ILE A 18 40.37 0.67 -13.11
CA ILE A 18 39.31 1.04 -14.05
C ILE A 18 37.96 0.51 -13.57
N ILE A 19 37.94 -0.72 -13.04
CA ILE A 19 36.71 -1.26 -12.45
C ILE A 19 36.25 -0.39 -11.29
N MET A 20 37.18 -0.04 -10.40
CA MET A 20 36.82 0.80 -9.26
C MET A 20 36.36 2.17 -9.73
N LEU A 21 37.02 2.72 -10.75
CA LEU A 21 36.64 4.00 -11.32
C LEU A 21 35.22 3.96 -11.86
N ALA A 22 34.91 2.93 -12.66
CA ALA A 22 33.56 2.77 -13.19
C ALA A 22 32.53 2.65 -12.08
N GLY A 23 32.89 1.98 -10.99
CA GLY A 23 31.96 1.81 -9.89
C GLY A 23 31.75 3.08 -9.10
N GLY A 24 32.83 3.80 -8.79
CA GLY A 24 32.68 5.06 -8.09
C GLY A 24 31.86 6.07 -8.88
N LEU A 25 32.08 6.11 -10.21
CA LEU A 25 31.26 6.95 -11.07
C LEU A 25 29.80 6.57 -10.99
N ALA A 26 29.51 5.27 -11.00
CA ALA A 26 28.13 4.80 -10.88
C ALA A 26 27.51 5.25 -9.56
N ILE A 27 28.29 5.21 -8.47
CA ILE A 27 27.74 5.57 -7.17
C ILE A 27 27.37 7.06 -7.14
N LEU A 28 28.18 7.92 -7.75
CA LEU A 28 27.82 9.33 -7.83
C LEU A 28 26.65 9.60 -8.77
N LYS A 29 26.25 8.64 -9.61
CA LYS A 29 25.23 8.90 -10.63
C LYS A 29 24.01 8.01 -10.56
N LEU A 30 24.05 6.90 -9.83
CA LEU A 30 22.90 6.03 -9.76
C LEU A 30 21.76 6.73 -9.01
N PRO A 31 20.51 6.47 -9.39
CA PRO A 31 19.39 6.79 -8.50
C PRO A 31 19.56 6.07 -7.16
N VAL A 32 19.19 6.77 -6.09
CA VAL A 32 19.00 6.17 -4.78
C VAL A 32 17.53 6.32 -4.41
N ALA A 33 16.96 5.26 -3.83
CA ALA A 33 15.56 5.22 -3.43
C ALA A 33 15.42 4.17 -2.34
N GLN A 34 14.39 4.27 -1.51
CA GLN A 34 14.20 3.26 -0.48
C GLN A 34 13.95 1.90 -1.12
N TYR A 35 13.03 1.85 -2.07
CA TYR A 35 12.68 0.63 -2.76
C TYR A 35 12.60 0.91 -4.25
N PRO A 36 12.88 -0.09 -5.09
CA PRO A 36 12.56 0.03 -6.51
C PRO A 36 11.06 -0.07 -6.72
N THR A 37 10.62 -0.11 -7.97
CA THR A 37 9.21 -0.30 -8.25
C THR A 37 8.81 -1.73 -7.92
N ILE A 38 7.90 -1.89 -6.96
CA ILE A 38 7.48 -3.22 -6.52
C ILE A 38 5.99 -3.44 -6.71
N ALA A 39 5.18 -2.42 -6.40
CA ALA A 39 3.77 -2.52 -6.68
C ALA A 39 3.54 -2.61 -8.19
N PRO A 40 2.54 -3.37 -8.63
CA PRO A 40 2.18 -3.33 -10.04
C PRO A 40 1.78 -1.92 -10.42
N PRO A 41 2.09 -1.49 -11.64
CA PRO A 41 1.73 -0.13 -12.05
C PRO A 41 0.22 0.04 -12.03
N ALA A 42 -0.24 1.14 -11.44
CA ALA A 42 -1.64 1.48 -11.38
C ALA A 42 -1.83 2.89 -11.93
N VAL A 43 -2.93 3.10 -12.64
CA VAL A 43 -3.32 4.42 -13.12
C VAL A 43 -4.65 4.76 -12.47
N THR A 44 -4.77 5.97 -11.95
CA THR A 44 -6.02 6.36 -11.30
C THR A 44 -6.65 7.53 -12.03
N ILE A 45 -7.93 7.39 -12.35
CA ILE A 45 -8.77 8.45 -12.87
C ILE A 45 -9.55 9.04 -11.70
N SER A 46 -9.46 10.36 -11.51
CA SER A 46 -10.16 11.04 -10.43
C SER A 46 -11.05 12.11 -11.03
N ALA A 47 -12.28 12.17 -10.54
CA ALA A 47 -13.23 13.20 -10.97
C ALA A 47 -14.03 13.65 -9.76
N SER A 48 -14.63 14.83 -9.88
CA SER A 48 -15.31 15.43 -8.75
C SER A 48 -16.62 16.02 -9.26
N TYR A 49 -17.72 15.79 -8.54
CA TYR A 49 -19.03 16.31 -8.91
C TYR A 49 -19.56 17.05 -7.67
N PRO A 50 -19.36 18.35 -7.59
CA PRO A 50 -19.66 19.07 -6.33
C PRO A 50 -21.13 18.95 -5.91
N GLY A 51 -21.34 18.56 -4.66
CA GLY A 51 -22.71 18.41 -4.17
C GLY A 51 -23.39 17.12 -4.59
N ALA A 52 -22.70 16.23 -5.32
CA ALA A 52 -23.28 14.98 -5.75
C ALA A 52 -23.21 13.91 -4.66
N ASP A 53 -24.25 13.10 -4.57
CA ASP A 53 -24.27 11.91 -3.74
C ASP A 53 -23.59 10.77 -4.48
N ALA A 54 -23.28 9.69 -3.74
CA ALA A 54 -22.57 8.54 -4.29
C ALA A 54 -23.26 7.98 -5.54
N LYS A 55 -24.57 7.78 -5.47
CA LYS A 55 -25.26 7.14 -6.60
C LYS A 55 -25.25 8.06 -7.82
N THR A 56 -25.38 9.37 -7.60
CA THR A 56 -25.31 10.28 -8.72
C THR A 56 -23.94 10.26 -9.36
N VAL A 57 -22.89 10.27 -8.53
CA VAL A 57 -21.51 10.20 -9.05
C VAL A 57 -21.33 8.95 -9.88
N GLN A 58 -21.76 7.80 -9.33
CA GLN A 58 -21.51 6.54 -10.00
C GLN A 58 -22.27 6.43 -11.31
N ASP A 59 -23.51 6.92 -11.34
CA ASP A 59 -24.36 6.67 -12.49
C ASP A 59 -24.24 7.74 -13.57
N THR A 60 -23.59 8.88 -13.28
CA THR A 60 -23.34 9.87 -14.31
C THR A 60 -21.88 9.97 -14.70
N VAL A 61 -20.98 9.44 -13.86
CA VAL A 61 -19.55 9.59 -14.14
C VAL A 61 -18.91 8.21 -14.17
N THR A 62 -19.00 7.47 -13.06
CA THR A 62 -18.19 6.26 -12.94
C THR A 62 -18.52 5.26 -14.04
N GLN A 63 -19.81 4.97 -14.24
CA GLN A 63 -20.16 3.91 -15.17
C GLN A 63 -19.84 4.33 -16.58
N VAL A 64 -20.06 5.62 -16.90
CA VAL A 64 -19.79 6.15 -18.22
C VAL A 64 -18.32 5.95 -18.58
N ILE A 65 -17.42 6.23 -17.64
CA ILE A 65 -15.98 6.08 -17.91
C ILE A 65 -15.62 4.60 -17.98
N GLU A 66 -16.10 3.83 -16.98
CA GLU A 66 -15.82 2.39 -16.92
C GLU A 66 -16.21 1.70 -18.22
N GLN A 67 -17.39 2.00 -18.78
CA GLN A 67 -17.77 1.34 -20.02
C GLN A 67 -16.83 1.65 -21.17
N ASN A 68 -15.96 2.65 -21.06
CA ASN A 68 -15.01 2.94 -22.11
C ASN A 68 -13.61 2.40 -21.81
N MET A 69 -13.45 1.65 -20.72
CA MET A 69 -12.14 1.19 -20.26
C MET A 69 -11.96 -0.26 -20.73
N ASN A 70 -11.78 -0.40 -22.04
CA ASN A 70 -11.49 -1.69 -22.64
C ASN A 70 -10.52 -1.45 -23.77
N GLY A 71 -9.92 -2.52 -24.28
CA GLY A 71 -8.97 -2.34 -25.35
C GLY A 71 -7.71 -1.70 -24.86
N ILE A 72 -7.38 -1.93 -23.60
CA ILE A 72 -6.20 -1.37 -22.97
C ILE A 72 -5.27 -2.54 -22.71
N ASP A 73 -3.99 -2.37 -23.04
CA ASP A 73 -3.03 -3.47 -22.98
C ASP A 73 -2.61 -3.77 -21.55
N ASN A 74 -2.49 -5.06 -21.24
CA ASN A 74 -1.85 -5.53 -20.00
C ASN A 74 -2.61 -5.12 -18.75
N LEU A 75 -3.91 -4.87 -18.89
CA LEU A 75 -4.76 -4.61 -17.73
C LEU A 75 -5.01 -5.91 -16.98
N MET A 76 -4.77 -5.90 -15.66
CA MET A 76 -5.09 -7.03 -14.79
C MET A 76 -6.50 -6.93 -14.18
N TYR A 77 -6.84 -5.76 -13.64
CA TYR A 77 -8.19 -5.54 -13.14
C TYR A 77 -8.40 -4.04 -12.97
N MET A 78 -9.66 -3.68 -12.70
CA MET A 78 -10.09 -2.30 -12.54
C MET A 78 -11.00 -2.23 -11.32
N SER A 79 -10.86 -1.20 -10.50
CA SER A 79 -11.76 -1.04 -9.37
C SER A 79 -12.06 0.43 -9.21
N SER A 80 -13.20 0.70 -8.59
CA SER A 80 -13.56 2.10 -8.44
C SER A 80 -14.38 2.25 -7.18
N ASN A 81 -14.41 3.48 -6.65
CA ASN A 81 -15.40 3.85 -5.66
C ASN A 81 -15.90 5.27 -5.95
N SER A 82 -17.19 5.48 -5.64
CA SER A 82 -17.90 6.73 -5.86
C SER A 82 -18.58 7.08 -4.54
N ASP A 83 -18.37 8.29 -4.04
CA ASP A 83 -18.78 8.47 -2.66
C ASP A 83 -19.61 9.73 -2.48
N SER A 84 -20.07 9.92 -1.24
CA SER A 84 -20.98 11.00 -0.88
C SER A 84 -20.32 12.35 -0.94
N THR A 85 -19.00 12.41 -1.02
CA THR A 85 -18.34 13.70 -1.21
C THR A 85 -18.35 14.15 -2.67
N GLY A 86 -19.01 13.42 -3.58
CA GLY A 86 -18.95 13.81 -4.97
C GLY A 86 -17.71 13.35 -5.72
N THR A 87 -16.94 12.42 -5.17
CA THR A 87 -15.65 12.03 -5.72
C THR A 87 -15.73 10.62 -6.27
N VAL A 88 -15.07 10.39 -7.41
CA VAL A 88 -14.89 9.04 -7.93
C VAL A 88 -13.40 8.84 -8.17
N GLN A 89 -12.90 7.67 -7.82
CA GLN A 89 -11.57 7.24 -8.25
C GLN A 89 -11.73 5.88 -8.89
N ILE A 90 -11.26 5.77 -10.12
CA ILE A 90 -11.21 4.51 -10.83
C ILE A 90 -9.74 4.12 -10.95
N THR A 91 -9.38 2.97 -10.42
CA THR A 91 -7.98 2.52 -10.45
C THR A 91 -7.84 1.35 -11.41
N LEU A 92 -7.02 1.51 -12.42
CA LEU A 92 -6.67 0.41 -13.33
C LEU A 92 -5.27 -0.08 -12.99
N THR A 93 -5.14 -1.38 -12.73
CA THR A 93 -3.86 -1.96 -12.31
C THR A 93 -3.34 -2.88 -13.41
N PHE A 94 -2.07 -2.70 -13.78
CA PHE A 94 -1.47 -3.38 -14.92
C PHE A 94 -0.44 -4.42 -14.48
N GLU A 95 -0.16 -5.38 -15.36
CA GLU A 95 0.78 -6.44 -15.03
C GLU A 95 2.15 -5.85 -14.69
N SER A 96 2.86 -6.54 -13.79
CA SER A 96 4.24 -6.15 -13.49
C SER A 96 5.05 -6.07 -14.79
N GLY A 97 5.86 -5.03 -14.89
CA GLY A 97 6.65 -4.81 -16.09
C GLY A 97 5.99 -3.93 -17.12
N THR A 98 4.73 -3.57 -16.95
CA THR A 98 4.08 -2.68 -17.91
C THR A 98 4.74 -1.32 -17.83
N ASP A 99 4.96 -0.72 -18.98
CA ASP A 99 5.43 0.67 -19.02
C ASP A 99 4.29 1.54 -18.51
N ALA A 100 4.51 2.18 -17.35
CA ALA A 100 3.44 2.94 -16.72
C ALA A 100 3.09 4.18 -17.52
N ASP A 101 4.07 4.75 -18.25
CA ASP A 101 3.77 5.88 -19.11
C ASP A 101 2.88 5.48 -20.28
N ILE A 102 3.04 4.25 -20.80
CA ILE A 102 2.15 3.80 -21.87
C ILE A 102 0.77 3.53 -21.30
N ALA A 103 0.71 2.78 -20.19
CA ALA A 103 -0.57 2.50 -19.56
C ALA A 103 -1.33 3.78 -19.26
N GLN A 104 -0.65 4.80 -18.74
CA GLN A 104 -1.34 6.05 -18.46
C GLN A 104 -1.86 6.67 -19.76
N VAL A 105 -1.04 6.67 -20.81
CA VAL A 105 -1.45 7.30 -22.05
C VAL A 105 -2.66 6.59 -22.64
N GLN A 106 -2.66 5.25 -22.61
CA GLN A 106 -3.81 4.52 -23.14
C GLN A 106 -5.07 4.76 -22.30
N VAL A 107 -4.96 4.78 -20.98
CA VAL A 107 -6.11 5.11 -20.13
C VAL A 107 -6.64 6.49 -20.48
N GLN A 108 -5.74 7.48 -20.55
CA GLN A 108 -6.12 8.86 -20.87
C GLN A 108 -6.86 8.96 -22.20
N ASN A 109 -6.42 8.17 -23.19
CA ASN A 109 -7.06 8.25 -24.50
C ASN A 109 -8.46 7.65 -24.48
N LYS A 110 -8.66 6.52 -23.80
CA LYS A 110 -10.01 6.01 -23.61
C LYS A 110 -10.87 6.98 -22.80
N LEU A 111 -10.34 7.54 -21.71
CA LEU A 111 -11.11 8.48 -20.92
C LEU A 111 -11.59 9.64 -21.78
N GLN A 112 -10.68 10.19 -22.59
CA GLN A 112 -10.95 11.42 -23.32
C GLN A 112 -12.05 11.23 -24.33
N LEU A 113 -12.40 9.98 -24.61
CA LEU A 113 -13.52 9.69 -25.54
C LEU A 113 -14.85 9.72 -24.79
N ALA A 114 -14.83 9.40 -23.50
CA ALA A 114 -16.05 9.52 -22.70
C ALA A 114 -16.28 10.93 -22.14
N MET A 115 -15.30 11.83 -22.23
CA MET A 115 -15.43 13.16 -21.64
C MET A 115 -16.69 13.90 -22.07
N PRO A 116 -17.07 13.94 -23.36
CA PRO A 116 -18.29 14.67 -23.75
C PRO A 116 -19.56 14.11 -23.17
N LEU A 117 -19.52 12.93 -22.54
CA LEU A 117 -20.68 12.33 -21.92
C LEU A 117 -20.78 12.67 -20.44
N LEU A 118 -19.80 13.28 -19.89
CA LEU A 118 -19.85 13.57 -18.47
C LEU A 118 -20.60 14.88 -18.21
N PRO A 119 -21.28 15.02 -17.08
CA PRO A 119 -21.92 16.31 -16.77
C PRO A 119 -20.89 17.43 -16.89
N GLN A 120 -21.35 18.60 -17.33
CA GLN A 120 -20.47 19.75 -17.52
C GLN A 120 -19.76 20.12 -16.22
N GLU A 121 -20.45 19.99 -15.08
CA GLU A 121 -19.83 20.33 -13.79
C GLU A 121 -18.68 19.40 -13.46
N VAL A 122 -18.71 18.18 -13.96
CA VAL A 122 -17.60 17.28 -13.70
C VAL A 122 -16.45 17.61 -14.63
N GLN A 123 -16.75 17.92 -15.88
CA GLN A 123 -15.70 18.34 -16.81
C GLN A 123 -15.00 19.59 -16.31
N GLN A 124 -15.75 20.55 -15.77
CA GLN A 124 -15.17 21.81 -15.29
C GLN A 124 -14.28 21.63 -14.08
N GLN A 125 -14.49 20.57 -13.28
CA GLN A 125 -13.60 20.34 -12.15
C GLN A 125 -12.27 19.80 -12.60
N GLY A 126 -12.18 19.29 -13.83
CA GLY A 126 -10.96 18.61 -14.22
C GLY A 126 -10.93 17.15 -13.78
N VAL A 127 -10.87 16.25 -14.75
CA VAL A 127 -10.73 14.83 -14.53
C VAL A 127 -9.25 14.47 -14.71
N SER A 128 -8.56 14.12 -13.62
CA SER A 128 -7.13 13.80 -13.68
C SER A 128 -6.89 12.30 -13.92
N VAL A 129 -5.77 12.01 -14.57
CA VAL A 129 -5.30 10.64 -14.82
C VAL A 129 -3.85 10.58 -14.37
N GLU A 130 -3.61 9.87 -13.28
CA GLU A 130 -2.27 9.89 -12.67
C GLU A 130 -1.74 8.48 -12.43
N LYS A 131 -0.43 8.34 -12.41
CA LYS A 131 0.18 7.05 -12.02
C LYS A 131 0.06 7.07 -10.50
N SER A 132 -0.63 6.08 -9.94
CA SER A 132 -0.94 6.16 -8.52
C SER A 132 -0.23 5.10 -7.68
N SER A 133 0.57 4.22 -8.30
CA SER A 133 1.27 3.19 -7.55
C SER A 133 2.61 3.65 -6.97
N SER A 134 3.10 4.84 -7.31
CA SER A 134 4.30 5.30 -6.61
C SER A 134 3.92 5.89 -5.27
N SER A 135 4.87 5.91 -4.34
CA SER A 135 4.57 6.36 -2.99
C SER A 135 5.25 7.69 -2.70
N PHE A 136 4.85 8.29 -1.57
CA PHE A 136 5.29 9.63 -1.22
C PHE A 136 6.77 9.62 -0.86
N LEU A 137 7.54 10.48 -1.51
CA LEU A 137 8.90 10.76 -1.04
C LEU A 137 8.87 11.47 0.30
N MET A 138 8.01 12.49 0.43
CA MET A 138 7.92 13.21 1.69
C MET A 138 6.57 13.91 1.76
N VAL A 139 6.15 14.23 2.98
CA VAL A 139 4.99 15.07 3.19
C VAL A 139 5.46 16.32 3.92
N VAL A 140 5.22 17.47 3.29
CA VAL A 140 5.54 18.77 3.87
C VAL A 140 4.25 19.31 4.48
N GLY A 141 4.31 19.79 5.72
CA GLY A 141 3.17 20.45 6.31
C GLY A 141 3.45 21.93 6.40
N VAL A 142 2.42 22.76 6.47
CA VAL A 142 2.64 24.21 6.53
C VAL A 142 1.69 24.77 7.58
N ILE A 143 2.23 25.47 8.56
CA ILE A 143 1.45 26.02 9.65
C ILE A 143 1.78 27.50 9.76
N ASN A 144 0.99 28.21 10.56
CA ASN A 144 1.33 29.59 10.91
C ASN A 144 1.32 29.71 12.43
N THR A 145 2.51 29.81 13.02
CA THR A 145 2.61 29.83 14.48
C THR A 145 2.10 31.14 15.08
N ASP A 146 2.07 32.23 14.29
CA ASP A 146 1.47 33.48 14.77
C ASP A 146 -0.03 33.35 15.01
N GLY A 147 -0.66 32.26 14.57
CA GLY A 147 -2.10 32.09 14.74
C GLY A 147 -3.01 32.95 13.86
N THR A 148 -2.49 33.55 12.80
CA THR A 148 -3.22 34.57 12.04
C THR A 148 -3.87 34.07 10.75
N MET A 149 -3.82 32.76 10.47
CA MET A 149 -4.26 32.24 9.17
C MET A 149 -5.14 31.01 9.38
N THR A 150 -6.26 30.96 8.68
CA THR A 150 -7.03 29.73 8.63
C THR A 150 -6.34 28.74 7.69
N GLN A 151 -6.84 27.51 7.67
CA GLN A 151 -6.27 26.54 6.74
C GLN A 151 -6.49 26.99 5.30
N GLU A 152 -7.57 27.72 5.03
CA GLU A 152 -7.80 28.24 3.69
C GLU A 152 -6.73 29.27 3.31
N ASP A 153 -6.40 30.20 4.21
CA ASP A 153 -5.31 31.14 3.95
C ASP A 153 -3.99 30.40 3.71
N ILE A 154 -3.69 29.40 4.55
CA ILE A 154 -2.42 28.68 4.39
C ILE A 154 -2.42 27.92 3.08
N SER A 155 -3.52 27.22 2.75
CA SER A 155 -3.57 26.54 1.46
C SER A 155 -3.40 27.50 0.29
N ASP A 156 -4.03 28.68 0.35
CA ASP A 156 -3.89 29.59 -0.79
C ASP A 156 -2.44 30.01 -0.96
N TYR A 157 -1.76 30.32 0.15
CA TYR A 157 -0.35 30.67 0.07
C TYR A 157 0.48 29.54 -0.53
N VAL A 158 0.25 28.32 -0.07
CA VAL A 158 0.97 27.18 -0.61
C VAL A 158 0.68 27.01 -2.10
N ALA A 159 -0.60 27.10 -2.50
CA ALA A 159 -0.94 26.89 -3.90
C ALA A 159 -0.28 27.94 -4.80
N ALA A 160 -0.34 29.21 -4.38
CA ALA A 160 0.10 30.31 -5.21
C ALA A 160 1.61 30.55 -5.17
N ASN A 161 2.26 30.19 -4.08
CA ASN A 161 3.66 30.58 -3.95
C ASN A 161 4.62 29.43 -3.82
N MET A 162 4.19 28.28 -3.35
CA MET A 162 5.11 27.17 -3.09
C MET A 162 4.95 25.99 -4.02
N LYS A 163 3.72 25.63 -4.40
CA LYS A 163 3.51 24.32 -5.01
C LYS A 163 4.34 24.13 -6.27
N ASP A 164 4.38 25.15 -7.15
CA ASP A 164 5.02 24.96 -8.45
C ASP A 164 6.54 24.94 -8.35
N ALA A 165 7.14 25.80 -7.51
CA ALA A 165 8.57 25.69 -7.25
C ALA A 165 8.96 24.27 -6.83
N ILE A 166 8.19 23.68 -5.91
CA ILE A 166 8.42 22.29 -5.52
C ILE A 166 8.32 21.37 -6.73
N SER A 167 7.22 21.46 -7.49
CA SER A 167 7.07 20.67 -8.70
C SER A 167 8.25 20.85 -9.67
N ARG A 168 8.90 22.00 -9.62
CA ARG A 168 10.01 22.32 -10.53
C ARG A 168 11.36 21.86 -10.00
N THR A 169 11.39 21.32 -8.78
CA THR A 169 12.65 20.95 -8.15
C THR A 169 13.14 19.62 -8.72
N SER A 170 14.47 19.50 -8.80
CA SER A 170 15.18 18.34 -9.34
C SER A 170 14.70 17.01 -8.75
N GLY A 171 14.05 16.17 -9.55
CA GLY A 171 13.69 14.83 -9.12
C GLY A 171 12.26 14.68 -8.64
N VAL A 172 11.49 15.76 -8.49
CA VAL A 172 10.05 15.64 -8.09
C VAL A 172 9.19 15.27 -9.31
N GLY A 173 8.18 14.43 -9.14
CA GLY A 173 7.37 13.97 -10.27
C GLY A 173 5.86 14.19 -10.15
N ASP A 174 5.33 14.53 -8.97
CA ASP A 174 3.89 14.73 -8.69
C ASP A 174 3.91 15.52 -7.39
N VAL A 175 2.80 16.18 -7.06
CA VAL A 175 2.69 17.06 -5.90
C VAL A 175 1.20 17.23 -5.65
N GLN A 176 0.75 16.92 -4.43
CA GLN A 176 -0.66 17.02 -4.07
C GLN A 176 -0.81 18.03 -2.94
N LEU A 177 -1.69 19.01 -3.16
CA LEU A 177 -1.94 20.06 -2.20
C LEU A 177 -3.00 19.64 -1.17
N PHE A 178 -2.75 19.94 0.11
CA PHE A 178 -3.71 19.62 1.16
C PHE A 178 -4.66 20.80 1.33
N GLY A 179 -5.66 20.85 0.47
CA GLY A 179 -6.52 22.01 0.37
C GLY A 179 -6.49 22.58 -1.03
N SER A 180 -6.83 23.87 -1.18
CA SER A 180 -6.99 24.50 -2.48
C SER A 180 -6.51 25.94 -2.43
N GLN A 181 -6.20 26.49 -3.61
CA GLN A 181 -6.10 27.94 -3.69
C GLN A 181 -7.43 28.58 -3.29
N TYR A 182 -7.41 29.87 -3.01
CA TYR A 182 -8.66 30.55 -2.67
C TYR A 182 -9.69 30.38 -3.77
N ALA A 183 -10.95 30.24 -3.38
CA ALA A 183 -12.09 30.50 -4.25
C ALA A 183 -12.83 31.72 -3.73
N MET A 184 -13.48 32.47 -4.62
CA MET A 184 -14.43 33.52 -4.26
C MET A 184 -15.74 32.87 -3.84
N ARG A 185 -16.12 33.00 -2.57
CA ARG A 185 -17.32 32.35 -2.04
C ARG A 185 -18.42 33.38 -1.93
N ILE A 186 -19.52 33.13 -2.63
CA ILE A 186 -20.75 33.89 -2.50
C ILE A 186 -21.67 33.04 -1.62
N TRP A 187 -22.01 33.53 -0.41
CA TRP A 187 -22.84 32.78 0.53
C TRP A 187 -24.23 33.41 0.55
N MET A 188 -25.17 32.74 -0.10
CA MET A 188 -26.46 33.31 -0.39
C MET A 188 -27.36 33.30 0.84
N ASN A 189 -28.26 34.27 0.88
CA ASN A 189 -29.22 34.39 1.97
C ASN A 189 -30.61 34.24 1.35
N PRO A 190 -31.37 33.20 1.67
CA PRO A 190 -32.64 33.01 0.98
C PRO A 190 -33.71 33.99 1.42
N ASN A 191 -33.61 34.54 2.64
CA ASN A 191 -34.55 35.59 3.04
C ASN A 191 -34.36 36.84 2.20
N GLU A 192 -33.11 37.24 1.99
CA GLU A 192 -32.90 38.45 1.21
C GLU A 192 -33.24 38.20 -0.26
N LEU A 193 -32.91 37.01 -0.77
CA LEU A 193 -33.25 36.70 -2.16
C LEU A 193 -34.75 36.81 -2.38
N ASN A 194 -35.54 36.17 -1.49
CA ASN A 194 -36.99 36.18 -1.63
C ASN A 194 -37.53 37.61 -1.54
N LYS A 195 -37.01 38.40 -0.59
CA LYS A 195 -37.41 39.79 -0.44
C LYS A 195 -37.32 40.58 -1.74
N PHE A 196 -36.36 40.27 -2.61
CA PHE A 196 -36.25 40.94 -3.89
C PHE A 196 -36.72 40.08 -5.05
N GLN A 197 -37.48 39.01 -4.79
CA GLN A 197 -38.00 38.15 -5.85
C GLN A 197 -36.88 37.54 -6.70
N LEU A 198 -35.77 37.13 -6.05
CA LEU A 198 -34.61 36.57 -6.74
C LEU A 198 -34.34 35.13 -6.30
N THR A 199 -33.51 34.42 -7.10
CA THR A 199 -33.12 33.04 -6.81
C THR A 199 -31.64 32.82 -7.12
N PRO A 200 -31.07 31.68 -6.72
CA PRO A 200 -29.67 31.40 -7.13
C PRO A 200 -29.45 31.45 -8.62
N VAL A 201 -30.47 31.10 -9.44
CA VAL A 201 -30.39 31.23 -10.89
C VAL A 201 -30.01 32.64 -11.30
N ASP A 202 -30.66 33.63 -10.70
CA ASP A 202 -30.40 35.01 -11.11
C ASP A 202 -29.04 35.48 -10.64
N VAL A 203 -28.62 34.99 -9.47
CA VAL A 203 -27.28 35.31 -8.96
C VAL A 203 -26.23 34.75 -9.92
N ILE A 204 -26.36 33.47 -10.28
CA ILE A 204 -25.42 32.82 -11.19
C ILE A 204 -25.39 33.54 -12.54
N THR A 205 -26.56 33.92 -13.07
CA THR A 205 -26.62 34.66 -14.33
C THR A 205 -25.90 36.01 -14.22
N ALA A 206 -26.12 36.73 -13.12
CA ALA A 206 -25.50 38.05 -12.96
C ALA A 206 -23.99 37.96 -12.80
N ILE A 207 -23.48 36.88 -12.18
CA ILE A 207 -22.03 36.70 -12.05
C ILE A 207 -21.41 36.37 -13.39
N LYS A 208 -22.04 35.48 -14.16
CA LYS A 208 -21.49 35.17 -15.47
C LYS A 208 -21.45 36.41 -16.35
N ALA A 209 -22.46 37.29 -16.22
CA ALA A 209 -22.51 38.47 -17.07
C ALA A 209 -21.65 39.59 -16.56
N GLN A 210 -21.48 39.72 -15.24
CA GLN A 210 -20.77 40.86 -14.69
C GLN A 210 -19.39 40.53 -14.18
N ASN A 211 -19.00 39.25 -14.21
CA ASN A 211 -17.61 38.82 -13.93
C ASN A 211 -17.18 38.19 -15.25
N ALA A 212 -16.91 39.01 -16.26
CA ALA A 212 -16.63 38.49 -17.59
C ALA A 212 -15.38 39.16 -18.12
N GLN A 213 -14.73 38.48 -19.05
CA GLN A 213 -13.55 38.99 -19.73
C GLN A 213 -13.89 39.02 -21.21
N VAL A 214 -14.06 40.22 -21.75
CA VAL A 214 -14.68 40.40 -23.05
C VAL A 214 -13.63 40.68 -24.11
N ALA A 215 -13.68 39.91 -25.19
CA ALA A 215 -12.89 40.15 -26.39
C ALA A 215 -13.58 41.21 -27.26
N ALA A 216 -12.94 42.37 -27.45
CA ALA A 216 -13.63 43.52 -28.00
C ALA A 216 -13.01 44.08 -29.28
N GLY A 217 -11.95 43.47 -29.80
CA GLY A 217 -11.42 44.01 -31.03
C GLY A 217 -10.50 45.19 -30.79
N GLN A 218 -10.26 45.95 -31.86
CA GLN A 218 -9.32 47.05 -31.86
C GLN A 218 -9.89 48.24 -32.62
N LEU A 219 -9.50 49.43 -32.17
CA LEU A 219 -9.51 50.59 -33.03
C LEU A 219 -8.46 50.40 -34.14
N GLY A 220 -8.84 50.72 -35.37
CA GLY A 220 -7.86 50.57 -36.43
C GLY A 220 -7.54 49.14 -36.75
N GLY A 221 -8.43 48.20 -36.41
CA GLY A 221 -8.15 46.79 -36.62
C GLY A 221 -8.13 46.43 -38.08
N THR A 222 -7.59 45.29 -38.35
CA THR A 222 -7.42 44.82 -39.72
C THR A 222 -8.65 44.02 -40.15
N PRO A 223 -9.02 44.06 -41.44
CA PRO A 223 -8.45 44.91 -42.48
C PRO A 223 -8.86 46.34 -42.19
N PRO A 224 -7.92 47.29 -42.31
CA PRO A 224 -8.20 48.67 -41.94
C PRO A 224 -8.62 49.50 -43.15
N VAL A 225 -9.11 50.68 -42.91
CA VAL A 225 -9.40 51.68 -43.94
C VAL A 225 -8.10 52.34 -44.37
N LYS A 226 -8.01 52.78 -45.62
CA LYS A 226 -6.84 53.55 -46.04
C LYS A 226 -6.75 54.82 -45.22
N GLY A 227 -5.53 55.17 -44.80
CA GLY A 227 -5.33 56.40 -44.09
C GLY A 227 -5.46 56.31 -42.58
N GLN A 228 -5.83 55.15 -42.06
CA GLN A 228 -5.89 54.96 -40.61
C GLN A 228 -4.55 55.31 -39.95
N GLN A 229 -4.60 56.13 -38.90
CA GLN A 229 -3.40 56.50 -38.15
C GLN A 229 -3.33 55.86 -36.75
N LEU A 230 -4.43 55.36 -36.21
CA LEU A 230 -4.47 54.84 -34.85
C LEU A 230 -4.80 53.35 -34.87
N ASN A 231 -3.99 52.54 -34.20
CA ASN A 231 -4.31 51.17 -33.83
C ASN A 231 -4.22 51.05 -32.32
N ALA A 232 -5.29 50.56 -31.69
CA ALA A 232 -5.29 50.36 -30.24
C ALA A 232 -6.31 49.30 -29.86
N SER A 233 -6.01 48.55 -28.78
CA SER A 233 -6.93 47.51 -28.33
C SER A 233 -8.11 48.15 -27.63
N ILE A 234 -9.28 47.59 -27.84
CA ILE A 234 -10.44 47.97 -27.05
C ILE A 234 -10.49 47.05 -25.85
N ILE A 235 -10.65 47.65 -24.67
CA ILE A 235 -10.69 46.89 -23.43
C ILE A 235 -12.09 47.09 -22.87
N ALA A 236 -12.85 46.00 -22.79
CA ALA A 236 -14.18 46.07 -22.22
C ALA A 236 -14.12 45.39 -20.85
N GLN A 237 -15.24 44.86 -20.37
CA GLN A 237 -15.22 44.16 -19.09
C GLN A 237 -14.02 43.23 -18.88
N THR A 238 -13.50 43.21 -17.65
CA THR A 238 -12.42 42.34 -17.20
C THR A 238 -12.88 41.58 -15.96
N ARG A 239 -12.24 40.43 -15.71
CA ARG A 239 -12.58 39.63 -14.54
C ARG A 239 -12.50 40.51 -13.30
N LEU A 240 -13.40 40.25 -12.36
CA LEU A 240 -13.35 40.92 -11.07
C LEU A 240 -12.19 40.37 -10.24
N THR A 241 -11.73 41.17 -9.27
CA THR A 241 -10.50 40.86 -8.57
C THR A 241 -10.59 40.92 -7.06
N SER A 242 -11.74 41.28 -6.50
CA SER A 242 -11.84 41.54 -5.07
C SER A 242 -13.25 41.23 -4.62
N THR A 243 -13.39 40.97 -3.32
CA THR A 243 -14.73 40.78 -2.75
C THR A 243 -15.58 42.03 -2.96
N GLU A 244 -14.98 43.21 -2.90
CA GLU A 244 -15.75 44.45 -3.09
C GLU A 244 -16.37 44.51 -4.48
N GLU A 245 -15.60 44.15 -5.51
CA GLU A 245 -16.14 44.17 -6.86
C GLU A 245 -17.25 43.14 -7.03
N PHE A 246 -17.13 41.97 -6.40
CA PHE A 246 -18.23 41.01 -6.48
C PHE A 246 -19.47 41.54 -5.75
N GLY A 247 -19.27 42.23 -4.63
CA GLY A 247 -20.43 42.69 -3.88
C GLY A 247 -21.26 43.73 -4.62
N LYS A 248 -20.63 44.50 -5.50
CA LYS A 248 -21.39 45.53 -6.21
C LYS A 248 -21.90 45.06 -7.57
N ILE A 249 -21.81 43.76 -7.87
CA ILE A 249 -22.55 43.24 -9.02
C ILE A 249 -24.02 43.61 -8.88
N LEU A 250 -24.61 44.10 -9.96
CA LEU A 250 -25.97 44.65 -9.90
C LEU A 250 -26.95 43.54 -10.26
N LEU A 251 -27.71 43.06 -9.27
CA LEU A 251 -28.66 42.00 -9.59
C LEU A 251 -29.89 42.58 -10.26
N LYS A 252 -30.30 43.77 -9.82
CA LYS A 252 -31.67 44.19 -10.11
C LYS A 252 -31.79 45.66 -9.80
N VAL A 253 -32.69 46.30 -10.53
CA VAL A 253 -33.08 47.69 -10.30
C VAL A 253 -34.57 47.69 -9.99
N ASN A 254 -34.92 48.10 -8.77
CA ASN A 254 -36.30 47.96 -8.33
C ASN A 254 -37.21 48.94 -9.07
N GLN A 255 -38.49 48.92 -8.69
CA GLN A 255 -39.51 49.78 -9.29
C GLN A 255 -39.24 51.24 -8.96
N ASP A 256 -39.09 51.57 -7.68
CA ASP A 256 -38.71 52.90 -7.25
C ASP A 256 -37.35 53.33 -7.80
N GLY A 257 -36.63 52.46 -8.50
CA GLY A 257 -35.32 52.80 -9.01
C GLY A 257 -34.17 52.51 -8.07
N SER A 258 -34.43 51.85 -6.93
CA SER A 258 -33.35 51.42 -6.07
C SER A 258 -32.68 50.16 -6.62
N ARG A 259 -31.49 49.88 -6.10
CA ARG A 259 -30.59 48.88 -6.65
C ARG A 259 -30.45 47.71 -5.69
N VAL A 260 -30.56 46.49 -6.21
CA VAL A 260 -30.25 45.29 -5.46
C VAL A 260 -28.86 44.83 -5.90
N LEU A 261 -27.86 44.99 -5.03
CA LEU A 261 -26.49 44.55 -5.27
C LEU A 261 -26.29 43.13 -4.73
N LEU A 262 -25.29 42.42 -5.28
CA LEU A 262 -25.03 41.07 -4.79
C LEU A 262 -24.77 41.08 -3.30
N ARG A 263 -24.15 42.13 -2.77
CA ARG A 263 -23.89 42.12 -1.33
C ARG A 263 -25.16 42.31 -0.52
N ASP A 264 -26.29 42.67 -1.13
CA ASP A 264 -27.55 42.74 -0.42
C ASP A 264 -28.23 41.38 -0.29
N VAL A 265 -27.70 40.33 -0.91
CA VAL A 265 -28.34 39.01 -0.79
C VAL A 265 -27.32 37.94 -0.43
N ALA A 266 -26.08 38.34 -0.10
CA ALA A 266 -25.06 37.32 0.11
C ALA A 266 -23.90 37.91 0.87
N LYS A 267 -23.26 37.07 1.67
CA LYS A 267 -21.94 37.37 2.18
C LYS A 267 -20.87 36.89 1.19
N ILE A 268 -19.77 37.64 1.12
CA ILE A 268 -18.77 37.45 0.09
C ILE A 268 -17.39 37.43 0.73
N GLU A 269 -16.63 36.38 0.45
CA GLU A 269 -15.33 36.24 1.09
C GLU A 269 -14.45 35.31 0.28
N LEU A 270 -13.16 35.55 0.30
CA LEU A 270 -12.21 34.54 -0.15
C LEU A 270 -12.29 33.33 0.79
N GLY A 271 -12.41 32.14 0.23
CA GLY A 271 -12.59 30.95 1.03
C GLY A 271 -11.97 29.76 0.34
N GLY A 272 -12.34 28.55 0.70
CA GLY A 272 -11.78 27.38 0.04
C GLY A 272 -12.70 26.88 -1.06
N GLU A 273 -12.16 26.07 -1.97
CA GLU A 273 -13.01 25.42 -2.97
C GLU A 273 -13.93 24.38 -2.35
N ASN A 274 -13.49 23.67 -1.32
CA ASN A 274 -14.48 22.95 -0.54
C ASN A 274 -13.96 22.72 0.87
N TYR A 275 -14.83 22.19 1.70
CA TYR A 275 -14.68 22.28 3.15
C TYR A 275 -14.86 20.92 3.83
N ASP A 276 -14.75 19.84 3.07
CA ASP A 276 -14.91 18.51 3.64
C ASP A 276 -13.79 18.11 4.58
N ILE A 277 -12.56 18.59 4.38
CA ILE A 277 -11.43 18.14 5.18
C ILE A 277 -10.96 19.28 6.10
N ILE A 278 -10.86 18.99 7.40
CA ILE A 278 -10.15 19.86 8.35
C ILE A 278 -8.78 19.24 8.63
N ALA A 279 -7.73 20.00 8.34
CA ALA A 279 -6.35 19.54 8.50
C ALA A 279 -5.71 20.29 9.66
N GLU A 280 -5.08 19.56 10.58
CA GLU A 280 -4.40 20.18 11.71
C GLU A 280 -3.09 19.46 12.00
N PHE A 281 -2.08 20.26 12.30
CA PHE A 281 -0.76 19.77 12.67
C PHE A 281 -0.57 20.19 14.12
N ASN A 282 -0.50 19.21 15.01
CA ASN A 282 -0.42 19.49 16.46
C ASN A 282 -1.50 20.46 16.88
N GLY A 283 -2.72 20.26 16.36
CA GLY A 283 -3.86 21.06 16.72
C GLY A 283 -3.89 22.46 16.16
N GLN A 284 -3.04 22.78 15.21
CA GLN A 284 -3.14 24.09 14.58
C GLN A 284 -3.54 23.92 13.11
N PRO A 285 -4.25 24.89 12.55
CA PRO A 285 -4.65 24.80 11.14
C PRO A 285 -3.43 24.58 10.26
N ALA A 286 -3.59 23.75 9.24
CA ALA A 286 -2.43 23.41 8.42
C ALA A 286 -2.84 23.18 6.97
N SER A 287 -1.90 23.43 6.08
CA SER A 287 -1.98 22.89 4.74
C SER A 287 -0.76 22.01 4.52
N GLY A 288 -0.44 21.65 3.28
CA GLY A 288 0.73 20.82 3.07
C GLY A 288 0.82 20.36 1.63
N LEU A 289 1.91 19.62 1.36
CA LEU A 289 2.17 19.02 0.06
C LEU A 289 2.55 17.55 0.25
N GLY A 290 1.88 16.66 -0.49
CA GLY A 290 2.33 15.29 -0.64
C GLY A 290 3.19 15.19 -1.89
N ILE A 291 4.45 14.78 -1.73
CA ILE A 291 5.46 14.86 -2.79
C ILE A 291 5.89 13.46 -3.20
N LYS A 292 5.91 13.19 -4.49
CA LYS A 292 6.32 11.87 -4.99
C LYS A 292 7.61 11.96 -5.78
N LEU A 293 8.35 10.86 -5.77
CA LEU A 293 9.59 10.77 -6.53
C LEU A 293 9.31 10.58 -8.01
N ALA A 294 10.01 11.34 -8.85
CA ALA A 294 9.96 11.08 -10.28
C ALA A 294 10.64 9.76 -10.61
N THR A 295 10.16 9.12 -11.68
CA THR A 295 10.68 7.82 -12.10
C THR A 295 12.19 7.86 -12.31
N GLY A 296 12.89 6.95 -11.64
CA GLY A 296 14.32 6.87 -11.78
C GLY A 296 15.07 8.05 -11.22
N ALA A 297 14.44 8.86 -10.39
CA ALA A 297 15.16 9.97 -9.78
C ALA A 297 15.94 9.49 -8.56
N ASN A 298 16.92 10.30 -8.17
CA ASN A 298 17.61 10.09 -6.90
C ASN A 298 16.75 10.67 -5.79
N ALA A 299 16.34 9.82 -4.84
CA ALA A 299 15.51 10.31 -3.75
C ALA A 299 16.30 11.19 -2.79
N LEU A 300 17.57 10.85 -2.52
CA LEU A 300 18.38 11.66 -1.61
C LEU A 300 18.61 13.05 -2.18
N ASP A 301 18.82 13.13 -3.49
CA ASP A 301 19.05 14.42 -4.14
C ASP A 301 17.81 15.29 -4.04
N THR A 302 16.66 14.69 -4.33
CA THR A 302 15.41 15.43 -4.37
C THR A 302 15.02 15.97 -2.99
N ALA A 303 15.15 15.15 -1.94
CA ALA A 303 14.82 15.63 -0.60
C ALA A 303 15.70 16.81 -0.22
N ALA A 304 17.01 16.70 -0.43
CA ALA A 304 17.89 17.82 -0.14
C ALA A 304 17.49 19.03 -0.98
N ALA A 305 17.21 18.82 -2.26
CA ALA A 305 16.85 19.93 -3.14
C ALA A 305 15.53 20.58 -2.68
N ILE A 306 14.52 19.77 -2.33
CA ILE A 306 13.26 20.31 -1.84
C ILE A 306 13.51 21.19 -0.61
N ARG A 307 14.31 20.67 0.33
CA ARG A 307 14.56 21.39 1.57
C ARG A 307 15.32 22.69 1.32
N ALA A 308 16.20 22.70 0.30
CA ALA A 308 16.88 23.94 -0.05
C ALA A 308 15.92 24.94 -0.67
N GLU A 309 15.09 24.47 -1.61
CA GLU A 309 14.10 25.34 -2.25
C GLU A 309 13.19 26.00 -1.21
N LEU A 310 12.70 25.23 -0.23
CA LEU A 310 11.88 25.79 0.83
C LEU A 310 12.67 26.73 1.75
N ALA A 311 13.96 26.46 1.95
CA ALA A 311 14.79 27.40 2.70
C ALA A 311 14.92 28.72 1.96
N LYS A 312 15.00 28.68 0.63
CA LYS A 312 15.16 29.93 -0.11
C LYS A 312 13.85 30.70 -0.21
N MET A 313 12.71 30.03 -0.07
CA MET A 313 11.46 30.79 -0.01
C MET A 313 11.25 31.42 1.35
N GLU A 314 11.81 30.81 2.41
CA GLU A 314 11.49 31.18 3.79
C GLU A 314 11.57 32.67 4.10
N PRO A 315 12.51 33.47 3.57
CA PRO A 315 12.50 34.91 3.90
C PRO A 315 11.26 35.65 3.43
N PHE A 316 10.65 35.22 2.32
CA PHE A 316 9.47 35.85 1.73
C PHE A 316 8.15 35.28 2.24
N PHE A 317 8.20 34.40 3.25
CA PHE A 317 7.00 33.92 3.90
C PHE A 317 6.35 35.05 4.68
N PRO A 318 5.03 35.09 4.75
CA PRO A 318 4.38 35.96 5.73
C PRO A 318 4.78 35.53 7.13
N SER A 319 4.77 36.49 8.05
CA SER A 319 5.18 36.22 9.43
C SER A 319 4.42 35.02 9.98
N GLY A 320 5.15 34.12 10.66
CA GLY A 320 4.57 32.94 11.26
C GLY A 320 4.56 31.70 10.40
N LEU A 321 4.72 31.83 9.08
CA LEU A 321 4.63 30.65 8.21
C LEU A 321 5.79 29.71 8.47
N LYS A 322 5.49 28.46 8.75
CA LYS A 322 6.50 27.49 9.17
C LYS A 322 6.33 26.19 8.39
N ILE A 323 7.45 25.69 7.85
CA ILE A 323 7.49 24.41 7.15
C ILE A 323 7.83 23.32 8.15
N VAL A 324 7.11 22.21 8.08
CA VAL A 324 7.39 21.03 8.90
C VAL A 324 7.44 19.83 7.99
N TYR A 325 8.05 18.76 8.47
CA TYR A 325 8.38 17.58 7.67
C TYR A 325 7.92 16.32 8.39
N PRO A 326 6.61 16.10 8.52
CA PRO A 326 6.13 14.94 9.28
C PRO A 326 6.48 13.61 8.64
N TYR A 327 6.83 13.61 7.35
CA TYR A 327 7.11 12.36 6.65
C TYR A 327 8.22 12.61 5.64
N ASP A 328 9.20 11.72 5.64
CA ASP A 328 10.35 11.85 4.76
C ASP A 328 11.05 10.51 4.77
N THR A 329 11.13 9.84 3.62
CA THR A 329 11.81 8.55 3.62
C THR A 329 13.33 8.70 3.56
N THR A 330 13.83 9.89 3.22
CA THR A 330 15.26 10.16 3.16
C THR A 330 16.03 9.74 4.40
N PRO A 331 15.67 10.15 5.63
CA PRO A 331 16.48 9.72 6.78
C PRO A 331 16.63 8.21 6.89
N PHE A 332 15.52 7.46 6.74
CA PHE A 332 15.60 6.01 6.83
C PHE A 332 16.53 5.42 5.77
N VAL A 333 16.53 6.01 4.57
CA VAL A 333 17.42 5.55 3.51
C VAL A 333 18.88 5.77 3.89
N LYS A 334 19.19 6.87 4.58
CA LYS A 334 20.57 7.14 4.97
C LYS A 334 21.04 6.17 6.04
N ILE A 335 20.18 5.82 6.99
CA ILE A 335 20.52 4.78 7.97
C ILE A 335 20.84 3.48 7.26
N SER A 336 20.03 3.11 6.24
CA SER A 336 20.30 1.90 5.48
C SER A 336 21.67 1.95 4.80
N ILE A 337 21.99 3.06 4.13
CA ILE A 337 23.30 3.19 3.51
C ILE A 337 24.41 3.09 4.55
N HIS A 338 24.20 3.71 5.71
CA HIS A 338 25.25 3.72 6.72
C HIS A 338 25.39 2.36 7.40
N GLU A 339 24.28 1.67 7.62
CA GLU A 339 24.36 0.33 8.21
C GLU A 339 24.99 -0.65 7.24
N VAL A 340 24.79 -0.46 5.94
CA VAL A 340 25.38 -1.37 4.97
C VAL A 340 26.87 -1.12 4.83
N VAL A 341 27.29 0.14 4.73
CA VAL A 341 28.71 0.47 4.69
C VAL A 341 29.40 -0.01 5.97
N LYS A 342 28.78 0.25 7.13
CA LYS A 342 29.28 -0.24 8.40
C LYS A 342 29.51 -1.74 8.36
N THR A 343 28.53 -2.47 7.81
CA THR A 343 28.66 -3.92 7.70
C THR A 343 29.81 -4.30 6.77
N LEU A 344 30.00 -3.56 5.68
CA LEU A 344 31.09 -3.86 4.76
C LEU A 344 32.43 -3.54 5.41
N VAL A 345 32.55 -2.35 6.00
CA VAL A 345 33.81 -1.94 6.62
C VAL A 345 34.23 -2.94 7.68
N GLU A 346 33.28 -3.38 8.51
CA GLU A 346 33.68 -4.30 9.57
C GLU A 346 33.87 -5.73 9.08
N ALA A 347 33.17 -6.15 8.02
CA ALA A 347 33.48 -7.45 7.43
C ALA A 347 34.89 -7.48 6.85
N ILE A 348 35.38 -6.35 6.35
CA ILE A 348 36.77 -6.30 5.89
C ILE A 348 37.73 -6.38 7.07
N ILE A 349 37.40 -5.71 8.17
CA ILE A 349 38.22 -5.81 9.38
C ILE A 349 38.27 -7.25 9.88
N LEU A 350 37.12 -7.92 9.90
CA LEU A 350 37.08 -9.30 10.40
C LEU A 350 37.87 -10.24 9.50
N VAL A 351 37.85 -10.00 8.19
CA VAL A 351 38.66 -10.81 7.28
C VAL A 351 40.14 -10.55 7.54
N PHE A 352 40.52 -9.28 7.77
CA PHE A 352 41.87 -8.98 8.21
C PHE A 352 42.24 -9.82 9.44
N LEU A 353 41.37 -9.84 10.45
CA LEU A 353 41.66 -10.54 11.70
C LEU A 353 41.82 -12.03 11.47
N VAL A 354 40.88 -12.64 10.74
CA VAL A 354 40.96 -14.09 10.52
C VAL A 354 42.15 -14.43 9.64
N MET A 355 42.42 -13.60 8.63
CA MET A 355 43.58 -13.83 7.77
C MET A 355 44.87 -13.79 8.55
N TYR A 356 44.99 -12.83 9.48
CA TYR A 356 46.19 -12.75 10.29
C TYR A 356 46.27 -13.91 11.27
N LEU A 357 45.15 -14.29 11.88
CA LEU A 357 45.18 -15.38 12.85
C LEU A 357 45.71 -16.66 12.22
N PHE A 358 45.36 -16.91 10.96
CA PHE A 358 45.71 -18.18 10.33
C PHE A 358 47.00 -18.10 9.53
N LEU A 359 47.24 -17.02 8.79
CA LEU A 359 48.41 -16.93 7.92
C LEU A 359 49.52 -16.10 8.51
N GLN A 360 49.24 -15.29 9.53
CA GLN A 360 50.24 -14.77 10.46
C GLN A 360 51.23 -13.81 9.81
N ASN A 361 50.88 -13.23 8.67
CA ASN A 361 51.67 -12.16 8.08
C ASN A 361 50.73 -11.11 7.50
N PHE A 362 51.17 -9.85 7.54
CA PHE A 362 50.33 -8.74 7.09
C PHE A 362 50.22 -8.65 5.58
N ARG A 363 51.17 -9.20 4.83
CA ARG A 363 51.09 -9.13 3.37
C ARG A 363 49.87 -9.89 2.84
N ALA A 364 49.72 -11.15 3.25
CA ALA A 364 48.55 -11.94 2.85
C ALA A 364 47.25 -11.21 3.22
N THR A 365 47.26 -10.52 4.36
CA THR A 365 46.06 -9.79 4.86
C THR A 365 45.65 -8.67 3.89
N LEU A 366 46.58 -8.11 3.14
CA LEU A 366 46.22 -6.98 2.29
C LEU A 366 45.40 -7.37 1.09
N ILE A 367 45.49 -8.63 0.65
CA ILE A 367 44.90 -9.00 -0.63
C ILE A 367 43.37 -9.03 -0.55
N PRO A 368 42.75 -9.69 0.44
CA PRO A 368 41.28 -9.57 0.52
C PRO A 368 40.85 -8.14 0.79
N THR A 369 41.62 -7.40 1.58
CA THR A 369 41.31 -6.00 1.84
C THR A 369 41.27 -5.19 0.53
N ILE A 370 42.01 -5.60 -0.49
CA ILE A 370 41.96 -4.94 -1.78
C ILE A 370 40.85 -5.52 -2.66
N ALA A 371 40.81 -6.84 -2.82
CA ALA A 371 39.95 -7.44 -3.84
C ALA A 371 38.47 -7.21 -3.56
N VAL A 372 38.06 -7.32 -2.30
CA VAL A 372 36.64 -7.17 -1.97
C VAL A 372 36.12 -5.79 -2.34
N PRO A 373 36.72 -4.68 -1.89
CA PRO A 373 36.24 -3.35 -2.34
C PRO A 373 36.24 -3.16 -3.84
N VAL A 374 37.20 -3.75 -4.55
CA VAL A 374 37.20 -3.66 -6.02
C VAL A 374 35.93 -4.30 -6.59
N VAL A 375 35.54 -5.45 -6.05
CA VAL A 375 34.36 -6.13 -6.59
C VAL A 375 33.09 -5.38 -6.21
N LEU A 376 33.02 -4.87 -4.97
CA LEU A 376 31.83 -4.14 -4.56
C LEU A 376 31.68 -2.86 -5.37
N LEU A 377 32.73 -2.03 -5.42
CA LEU A 377 32.69 -0.86 -6.30
C LEU A 377 32.27 -1.24 -7.70
N GLY A 378 32.94 -2.25 -8.28
CA GLY A 378 32.62 -2.63 -9.64
C GLY A 378 31.20 -3.11 -9.80
N THR A 379 30.60 -3.64 -8.73
CA THR A 379 29.26 -4.17 -8.85
C THR A 379 28.26 -3.06 -9.14
N PHE A 380 28.51 -1.86 -8.60
CA PHE A 380 27.64 -0.72 -8.89
C PHE A 380 27.63 -0.42 -10.39
N ALA A 381 28.79 -0.52 -11.04
CA ALA A 381 28.83 -0.25 -12.48
C ALA A 381 27.99 -1.26 -13.25
N VAL A 382 27.94 -2.50 -12.78
CA VAL A 382 27.11 -3.49 -13.48
C VAL A 382 25.63 -3.20 -13.23
N LEU A 383 25.30 -2.72 -12.03
CA LEU A 383 23.94 -2.28 -11.73
C LEU A 383 23.55 -1.07 -12.58
N ALA A 384 24.43 -0.07 -12.66
CA ALA A 384 24.18 1.04 -13.57
C ALA A 384 23.95 0.55 -15.00
N ALA A 385 24.68 -0.48 -15.40
CA ALA A 385 24.56 -0.99 -16.77
C ALA A 385 23.18 -1.56 -17.04
N PHE A 386 22.52 -2.09 -16.01
CA PHE A 386 21.25 -2.78 -16.20
C PHE A 386 20.06 -1.95 -15.73
N GLY A 387 20.29 -0.68 -15.38
CA GLY A 387 19.23 0.22 -15.03
C GLY A 387 18.78 0.19 -13.59
N PHE A 388 19.45 -0.58 -12.73
CA PHE A 388 19.01 -0.70 -11.35
C PHE A 388 19.45 0.51 -10.55
N SER A 389 18.91 0.62 -9.34
CA SER A 389 19.20 1.73 -8.45
C SER A 389 19.77 1.22 -7.14
N ILE A 390 20.35 2.14 -6.40
CA ILE A 390 20.77 1.89 -5.03
C ILE A 390 19.51 1.96 -4.18
N ASN A 391 19.08 0.82 -3.65
CA ASN A 391 17.90 0.82 -2.81
C ASN A 391 18.14 -0.15 -1.66
N THR A 392 17.17 -0.24 -0.75
CA THR A 392 17.27 -1.16 0.38
C THR A 392 17.61 -2.57 -0.07
N LEU A 393 17.05 -2.99 -1.20
CA LEU A 393 17.16 -4.38 -1.59
C LEU A 393 18.50 -4.67 -2.26
N THR A 394 18.94 -3.79 -3.17
CA THR A 394 20.24 -3.97 -3.80
C THR A 394 21.35 -3.86 -2.76
N MET A 395 21.20 -2.98 -1.77
CA MET A 395 22.23 -2.86 -0.74
C MET A 395 22.31 -4.10 0.15
N PHE A 396 21.17 -4.67 0.55
CA PHE A 396 21.24 -5.93 1.29
C PHE A 396 21.69 -7.07 0.38
N GLY A 397 21.47 -6.95 -0.92
CA GLY A 397 22.07 -7.90 -1.84
C GLY A 397 23.59 -7.90 -1.73
N MET A 398 24.17 -6.72 -1.54
CA MET A 398 25.64 -6.67 -1.47
C MET A 398 26.16 -7.20 -0.13
N VAL A 399 25.50 -6.89 1.00
CA VAL A 399 25.99 -7.49 2.24
C VAL A 399 25.85 -9.00 2.18
N LEU A 400 24.82 -9.52 1.49
CA LEU A 400 24.73 -10.96 1.29
C LEU A 400 25.83 -11.47 0.37
N ALA A 401 26.31 -10.64 -0.55
CA ALA A 401 27.38 -11.07 -1.45
C ALA A 401 28.76 -11.05 -0.79
N ILE A 402 28.89 -10.48 0.42
CA ILE A 402 30.18 -10.43 1.12
C ILE A 402 30.76 -11.82 1.30
N GLY A 403 29.93 -12.77 1.73
CA GLY A 403 30.40 -14.13 1.95
C GLY A 403 31.00 -14.75 0.70
N LEU A 404 30.39 -14.49 -0.45
CA LEU A 404 30.92 -15.06 -1.69
C LEU A 404 32.18 -14.32 -2.14
N LEU A 405 32.23 -13.02 -1.92
CA LEU A 405 33.39 -12.21 -2.36
C LEU A 405 34.57 -12.51 -1.45
N VAL A 406 34.33 -12.46 -0.13
CA VAL A 406 35.38 -12.80 0.82
C VAL A 406 35.92 -14.19 0.52
N ASP A 407 35.04 -15.13 0.19
CA ASP A 407 35.48 -16.50 -0.08
C ASP A 407 36.40 -16.57 -1.28
N ASP A 408 36.11 -15.82 -2.34
CA ASP A 408 36.99 -15.81 -3.51
C ASP A 408 38.39 -15.31 -3.14
N ALA A 409 38.47 -14.29 -2.28
CA ALA A 409 39.76 -13.74 -1.88
C ALA A 409 40.53 -14.74 -1.01
N ILE A 410 39.87 -15.29 0.01
CA ILE A 410 40.49 -16.27 0.89
C ILE A 410 40.92 -17.53 0.13
N VAL A 411 40.04 -18.06 -0.73
CA VAL A 411 40.36 -19.29 -1.46
C VAL A 411 41.63 -19.12 -2.30
N VAL A 412 41.76 -17.98 -2.98
CA VAL A 412 42.95 -17.76 -3.81
C VAL A 412 44.18 -17.62 -2.93
N VAL A 413 44.10 -16.80 -1.87
CA VAL A 413 45.30 -16.47 -1.09
C VAL A 413 45.70 -17.62 -0.19
N GLU A 414 44.72 -18.29 0.44
CA GLU A 414 45.07 -19.39 1.31
C GLU A 414 45.73 -20.52 0.53
N ASN A 415 45.31 -20.74 -0.72
CA ASN A 415 45.86 -21.84 -1.48
C ASN A 415 47.32 -21.60 -1.88
N VAL A 416 47.68 -20.33 -2.16
CA VAL A 416 49.09 -20.05 -2.47
C VAL A 416 49.95 -20.20 -1.23
N GLU A 417 49.44 -19.81 -0.06
CA GLU A 417 50.21 -20.01 1.16
C GLU A 417 50.38 -21.49 1.48
N ARG A 418 49.39 -22.32 1.13
CA ARG A 418 49.52 -23.76 1.36
C ARG A 418 50.51 -24.38 0.37
N VAL A 419 50.38 -24.05 -0.91
CA VAL A 419 51.32 -24.60 -1.90
C VAL A 419 52.75 -24.19 -1.56
N MET A 420 52.94 -22.92 -1.19
CA MET A 420 54.29 -22.46 -0.80
C MET A 420 54.81 -23.30 0.35
N ALA A 421 54.00 -23.48 1.39
CA ALA A 421 54.49 -24.14 2.60
C ALA A 421 54.68 -25.64 2.38
N GLU A 422 53.78 -26.28 1.65
CA GLU A 422 53.91 -27.71 1.45
C GLU A 422 55.06 -28.06 0.50
N GLU A 423 55.52 -27.10 -0.30
CA GLU A 423 56.47 -27.38 -1.37
C GLU A 423 57.65 -26.42 -1.43
N GLY A 424 57.75 -25.45 -0.53
CA GLY A 424 58.85 -24.50 -0.54
C GLY A 424 58.97 -23.70 -1.82
N LEU A 425 57.91 -23.69 -2.63
CA LEU A 425 57.95 -23.02 -3.92
C LEU A 425 57.93 -21.50 -3.73
N PRO A 426 58.61 -20.75 -4.58
CA PRO A 426 58.63 -19.29 -4.45
C PRO A 426 57.28 -18.70 -4.84
N PRO A 427 56.98 -17.45 -4.39
CA PRO A 427 55.66 -16.83 -4.62
C PRO A 427 55.14 -16.96 -6.05
N LYS A 428 55.89 -16.40 -7.00
CA LYS A 428 55.48 -16.39 -8.39
C LYS A 428 55.13 -17.80 -8.90
N GLU A 429 55.95 -18.79 -8.55
CA GLU A 429 55.74 -20.13 -9.08
C GLU A 429 54.68 -20.89 -8.29
N ALA A 430 54.54 -20.59 -7.00
CA ALA A 430 53.47 -21.21 -6.24
C ALA A 430 52.11 -20.68 -6.65
N THR A 431 52.02 -19.40 -7.06
CA THR A 431 50.74 -18.86 -7.51
C THR A 431 50.35 -19.46 -8.86
N ARG A 432 51.33 -19.65 -9.74
CA ARG A 432 51.06 -20.31 -11.00
C ARG A 432 50.52 -21.72 -10.78
N LYS A 433 51.14 -22.47 -9.87
CA LYS A 433 50.67 -23.83 -9.56
C LYS A 433 49.33 -23.80 -8.82
N SER A 434 49.20 -22.92 -7.83
CA SER A 434 47.95 -22.86 -7.06
C SER A 434 46.78 -22.43 -7.93
N MET A 435 46.98 -21.46 -8.83
CA MET A 435 45.91 -21.06 -9.74
C MET A 435 45.54 -22.21 -10.67
N GLY A 436 46.54 -22.99 -11.11
CA GLY A 436 46.24 -24.14 -11.94
C GLY A 436 45.33 -25.16 -11.26
N GLN A 437 45.36 -25.20 -9.91
CA GLN A 437 44.55 -26.14 -9.16
C GLN A 437 43.10 -25.69 -8.98
N ILE A 438 42.85 -24.38 -8.97
CA ILE A 438 41.53 -23.85 -8.60
C ILE A 438 40.83 -23.14 -9.75
N GLN A 439 41.51 -22.89 -10.86
CA GLN A 439 41.01 -21.95 -11.86
C GLN A 439 39.81 -22.52 -12.60
N GLY A 440 39.89 -23.78 -13.02
CA GLY A 440 38.76 -24.41 -13.68
C GLY A 440 37.55 -24.49 -12.78
N ALA A 441 37.77 -24.73 -11.48
CA ALA A 441 36.65 -24.84 -10.55
C ALA A 441 36.01 -23.49 -10.29
N LEU A 442 36.80 -22.41 -10.27
CA LEU A 442 36.24 -21.09 -10.04
C LEU A 442 35.25 -20.71 -11.15
N VAL A 443 35.52 -21.16 -12.38
CA VAL A 443 34.65 -20.84 -13.51
C VAL A 443 33.39 -21.71 -13.47
N GLY A 444 33.54 -22.99 -13.16
CA GLY A 444 32.37 -23.82 -12.93
C GLY A 444 31.52 -23.32 -11.78
N ILE A 445 32.17 -22.80 -10.73
CA ILE A 445 31.44 -22.21 -9.61
C ILE A 445 30.62 -21.01 -10.07
N ALA A 446 31.20 -20.19 -10.95
CA ALA A 446 30.48 -19.01 -11.45
C ALA A 446 29.22 -19.43 -12.20
N MET A 447 29.31 -20.48 -13.01
CA MET A 447 28.13 -21.01 -13.70
C MET A 447 27.14 -21.57 -12.69
N VAL A 448 27.63 -22.39 -11.74
CA VAL A 448 26.74 -23.01 -10.76
C VAL A 448 26.02 -21.96 -9.92
N LEU A 449 26.73 -20.89 -9.54
CA LEU A 449 26.08 -19.86 -8.72
C LEU A 449 25.10 -19.03 -9.55
N SER A 450 25.35 -18.91 -10.86
CA SER A 450 24.37 -18.30 -11.75
C SER A 450 23.08 -19.11 -11.79
N ALA A 451 23.19 -20.44 -11.88
CA ALA A 451 22.01 -21.29 -11.90
C ALA A 451 21.29 -21.30 -10.56
N VAL A 452 21.96 -20.92 -9.47
CA VAL A 452 21.27 -20.84 -8.18
C VAL A 452 20.47 -19.53 -8.09
N PHE A 453 21.05 -18.40 -8.51
CA PHE A 453 20.52 -17.10 -8.19
C PHE A 453 19.67 -16.49 -9.30
N VAL A 454 19.96 -16.81 -10.55
CA VAL A 454 19.25 -16.25 -11.71
C VAL A 454 17.80 -16.69 -11.82
N PRO A 455 17.41 -17.94 -11.54
CA PRO A 455 15.99 -18.29 -11.71
C PRO A 455 15.08 -17.49 -10.80
N MET A 456 15.61 -17.00 -9.68
CA MET A 456 14.88 -16.10 -8.80
C MET A 456 14.29 -14.92 -9.55
N ALA A 457 15.05 -14.36 -10.47
CA ALA A 457 14.67 -13.14 -11.18
C ALA A 457 13.46 -13.38 -12.06
N PHE A 458 12.97 -14.61 -12.15
CA PHE A 458 11.84 -14.92 -13.01
C PHE A 458 10.57 -15.21 -12.24
N PHE A 459 10.53 -14.93 -10.94
CA PHE A 459 9.28 -14.97 -10.21
C PHE A 459 8.37 -13.86 -10.71
N GLY A 460 7.07 -14.11 -10.66
CA GLY A 460 6.12 -13.14 -11.15
C GLY A 460 5.74 -12.11 -10.10
N GLY A 461 5.23 -10.97 -10.60
CA GLY A 461 4.55 -10.00 -9.78
C GLY A 461 5.44 -9.20 -8.84
N SER A 462 4.87 -8.86 -7.68
CA SER A 462 5.57 -8.05 -6.70
C SER A 462 6.76 -8.82 -6.11
N THR A 463 6.58 -10.10 -5.85
CA THR A 463 7.66 -10.88 -5.25
C THR A 463 8.84 -11.04 -6.21
N GLY A 464 8.55 -11.35 -7.47
CA GLY A 464 9.60 -11.37 -8.48
C GLY A 464 10.34 -10.04 -8.58
N ALA A 465 9.61 -8.92 -8.51
CA ALA A 465 10.24 -7.60 -8.50
C ALA A 465 11.26 -7.50 -7.37
N ILE A 466 10.93 -8.02 -6.18
CA ILE A 466 11.87 -7.97 -5.06
C ILE A 466 13.04 -8.92 -5.31
N TYR A 467 12.75 -10.16 -5.67
CA TYR A 467 13.82 -11.16 -5.91
C TYR A 467 14.77 -10.66 -7.01
N ARG A 468 14.21 -10.13 -8.10
CA ARG A 468 15.03 -9.62 -9.20
C ARG A 468 16.13 -8.70 -8.72
N GLN A 469 15.83 -7.88 -7.70
CA GLN A 469 16.83 -6.98 -7.13
C GLN A 469 17.98 -7.75 -6.50
N PHE A 470 17.65 -8.76 -5.69
CA PHE A 470 18.68 -9.58 -5.08
C PHE A 470 19.41 -10.41 -6.13
N SER A 471 18.66 -11.01 -7.07
CA SER A 471 19.27 -11.90 -8.04
C SER A 471 20.34 -11.18 -8.87
N ILE A 472 19.99 -10.03 -9.46
CA ILE A 472 20.94 -9.31 -10.31
C ILE A 472 22.14 -8.81 -9.51
N THR A 473 21.90 -8.32 -8.30
CA THR A 473 23.00 -7.81 -7.47
C THR A 473 24.01 -8.92 -7.15
N ILE A 474 23.51 -10.07 -6.67
CA ILE A 474 24.37 -11.14 -6.21
C ILE A 474 25.12 -11.79 -7.37
N VAL A 475 24.44 -11.99 -8.51
CA VAL A 475 25.09 -12.61 -9.67
C VAL A 475 26.18 -11.70 -10.24
N SER A 476 25.89 -10.39 -10.33
CA SER A 476 26.88 -9.44 -10.83
C SER A 476 28.08 -9.38 -9.92
N ALA A 477 27.85 -9.26 -8.60
CA ALA A 477 28.95 -9.31 -7.65
C ALA A 477 29.73 -10.62 -7.79
N MET A 478 29.02 -11.74 -7.97
CA MET A 478 29.68 -13.04 -8.05
C MET A 478 30.52 -13.14 -9.33
N ALA A 479 29.94 -12.79 -10.48
CA ALA A 479 30.70 -12.83 -11.73
C ALA A 479 31.95 -11.96 -11.62
N LEU A 480 31.77 -10.72 -11.14
CA LEU A 480 32.90 -9.81 -11.00
C LEU A 480 33.95 -10.36 -10.04
N SER A 481 33.51 -11.05 -8.97
CA SER A 481 34.44 -11.65 -8.04
C SER A 481 35.32 -12.69 -8.72
N VAL A 482 34.75 -13.51 -9.60
CA VAL A 482 35.52 -14.52 -10.32
C VAL A 482 36.52 -13.86 -11.27
N LEU A 483 36.09 -12.84 -12.01
CA LEU A 483 37.02 -12.11 -12.89
C LEU A 483 38.19 -11.58 -12.08
N VAL A 484 37.90 -10.94 -10.94
CA VAL A 484 38.95 -10.38 -10.10
C VAL A 484 39.81 -11.49 -9.51
N ALA A 485 39.25 -12.68 -9.28
CA ALA A 485 40.05 -13.79 -8.76
C ALA A 485 40.92 -14.45 -9.81
N LEU A 486 40.65 -14.22 -11.09
CA LEU A 486 41.49 -14.73 -12.15
C LEU A 486 42.48 -13.70 -12.67
N ILE A 487 42.38 -12.44 -12.22
CA ILE A 487 43.17 -11.36 -12.79
C ILE A 487 44.00 -10.66 -11.72
N LEU A 488 43.33 -10.14 -10.70
CA LEU A 488 44.05 -9.27 -9.77
C LEU A 488 44.67 -10.04 -8.61
N THR A 489 43.90 -10.93 -7.99
CA THR A 489 44.42 -11.64 -6.82
C THR A 489 45.60 -12.56 -7.16
N PRO A 490 45.65 -13.28 -8.29
CA PRO A 490 46.89 -14.01 -8.59
C PRO A 490 48.09 -13.08 -8.70
N ALA A 491 47.96 -11.98 -9.47
CA ALA A 491 49.03 -11.00 -9.58
C ALA A 491 49.41 -10.40 -8.23
N LEU A 492 48.45 -10.21 -7.33
CA LEU A 492 48.82 -9.71 -6.02
C LEU A 492 49.49 -10.79 -5.18
N CYS A 493 49.09 -12.05 -5.35
CA CYS A 493 49.75 -13.13 -4.62
C CYS A 493 51.21 -13.26 -5.04
N ALA A 494 51.46 -13.20 -6.35
CA ALA A 494 52.80 -13.43 -6.88
C ALA A 494 53.78 -12.31 -6.56
N THR A 495 53.30 -11.11 -6.25
CA THR A 495 54.19 -9.97 -6.06
C THR A 495 54.25 -9.46 -4.63
N MET A 496 53.32 -9.87 -3.76
CA MET A 496 53.27 -9.36 -2.40
C MET A 496 53.56 -10.41 -1.35
N LEU A 497 53.34 -11.68 -1.68
CA LEU A 497 53.56 -12.75 -0.72
C LEU A 497 55.05 -13.04 -0.65
N LYS A 498 55.53 -13.34 0.55
CA LYS A 498 56.92 -13.70 0.73
C LYS A 498 57.04 -15.20 1.01
N PRO A 499 58.16 -15.82 0.65
CA PRO A 499 58.21 -17.28 0.59
C PRO A 499 58.04 -17.93 1.95
N ILE A 500 57.63 -19.19 1.93
CA ILE A 500 57.53 -20.03 3.11
C ILE A 500 58.46 -21.21 2.91
N ALA A 501 59.27 -21.51 3.93
CA ALA A 501 60.18 -22.65 3.87
C ALA A 501 59.38 -23.96 3.89
N LYS A 502 59.81 -24.91 3.05
CA LYS A 502 59.07 -26.17 2.91
C LYS A 502 58.93 -26.88 4.24
N GLY A 503 57.72 -27.40 4.50
CA GLY A 503 57.41 -28.07 5.73
C GLY A 503 57.17 -27.17 6.92
N ASP A 504 57.40 -25.87 6.80
CA ASP A 504 57.21 -24.94 7.91
C ASP A 504 55.73 -24.64 8.08
N HIS A 505 55.18 -24.95 9.24
CA HIS A 505 53.79 -24.67 9.56
C HIS A 505 53.67 -23.77 10.79
N GLY A 506 54.75 -23.04 11.08
CA GLY A 506 54.77 -22.09 12.18
C GLY A 506 54.67 -22.75 13.55
N GLU A 507 54.85 -24.07 13.60
CA GLU A 507 54.75 -24.77 14.88
C GLU A 507 55.87 -24.38 15.84
N GLY A 508 57.00 -23.93 15.30
CA GLY A 508 58.15 -23.47 16.04
C GLY A 508 58.16 -22.00 16.36
N LYS A 509 57.06 -21.30 16.11
CA LYS A 509 56.95 -19.92 16.53
C LYS A 509 56.73 -19.86 18.04
N LYS A 510 57.11 -18.73 18.63
CA LYS A 510 56.91 -18.51 20.05
C LYS A 510 55.60 -17.77 20.30
N GLY A 511 55.18 -17.77 21.58
CA GLY A 511 54.03 -17.00 21.97
C GLY A 511 52.71 -17.63 21.55
N PHE A 512 51.71 -16.76 21.34
CA PHE A 512 50.35 -17.22 21.06
C PHE A 512 50.26 -17.94 19.72
N PHE A 513 50.91 -17.41 18.68
CA PHE A 513 50.77 -17.98 17.35
C PHE A 513 51.32 -19.40 17.28
N GLY A 514 52.48 -19.62 17.88
CA GLY A 514 53.02 -20.97 17.97
C GLY A 514 52.08 -21.93 18.66
N TRP A 515 51.45 -21.49 19.76
CA TRP A 515 50.41 -22.30 20.38
C TRP A 515 49.29 -22.58 19.40
N PHE A 516 48.84 -21.56 18.67
CA PHE A 516 47.75 -21.75 17.72
C PHE A 516 48.15 -22.74 16.63
N ASN A 517 49.33 -22.56 16.04
CA ASN A 517 49.77 -23.44 14.96
C ASN A 517 49.91 -24.89 15.42
N ARG A 518 50.38 -25.10 16.65
CA ARG A 518 50.48 -26.47 17.14
C ARG A 518 49.11 -27.03 17.46
N MET A 519 48.20 -26.18 17.93
CA MET A 519 46.84 -26.63 18.21
C MET A 519 46.09 -26.91 16.91
N PHE A 520 46.28 -26.08 15.89
CA PHE A 520 45.55 -26.28 14.64
C PHE A 520 46.12 -27.43 13.81
N GLU A 521 47.42 -27.70 13.92
CA GLU A 521 47.96 -28.90 13.30
C GLU A 521 47.39 -30.16 13.95
N LYS A 522 47.37 -30.18 15.29
CA LYS A 522 46.72 -31.26 16.03
C LYS A 522 45.27 -31.43 15.58
N SER A 523 44.54 -30.31 15.48
CA SER A 523 43.12 -30.40 15.16
C SER A 523 42.88 -30.99 13.77
N THR A 524 43.65 -30.54 12.77
CA THR A 524 43.54 -31.11 11.43
C THR A 524 43.76 -32.62 11.45
N HIS A 525 44.73 -33.08 12.25
CA HIS A 525 44.97 -34.53 12.34
C HIS A 525 43.76 -35.26 12.92
N HIS A 526 43.22 -34.77 14.04
CA HIS A 526 41.98 -35.35 14.58
C HIS A 526 40.88 -35.33 13.55
N TYR A 527 40.78 -34.24 12.78
CA TYR A 527 39.73 -34.11 11.77
C TYR A 527 39.88 -35.18 10.69
N THR A 528 41.08 -35.31 10.08
CA THR A 528 41.25 -36.34 9.06
C THR A 528 41.16 -37.73 9.65
N ASP A 529 41.64 -37.91 10.89
CA ASP A 529 41.42 -39.16 11.61
C ASP A 529 39.92 -39.46 11.75
N SER A 530 39.13 -38.44 12.09
CA SER A 530 37.69 -38.62 12.23
C SER A 530 37.04 -38.98 10.90
N VAL A 531 37.40 -38.25 9.84
CA VAL A 531 36.83 -38.55 8.52
C VAL A 531 37.21 -39.95 8.10
N GLY A 532 38.47 -40.35 8.34
CA GLY A 532 38.89 -41.72 8.05
C GLY A 532 37.98 -42.75 8.70
N GLY A 533 37.69 -42.56 9.99
CA GLY A 533 36.82 -43.51 10.66
C GLY A 533 35.41 -43.48 10.15
N ILE A 534 34.88 -42.28 9.88
CA ILE A 534 33.55 -42.13 9.27
C ILE A 534 33.52 -42.87 7.94
N LEU A 535 34.58 -42.73 7.14
CA LEU A 535 34.57 -43.38 5.83
C LEU A 535 34.59 -44.90 5.94
N ARG A 536 34.97 -45.44 7.10
CA ARG A 536 34.98 -46.89 7.28
C ARG A 536 33.56 -47.48 7.26
N SER A 537 32.55 -46.72 7.71
CA SER A 537 31.16 -47.21 7.80
C SER A 537 30.21 -46.12 7.30
N THR A 538 30.20 -45.91 5.97
CA THR A 538 29.46 -44.79 5.40
C THR A 538 27.95 -44.98 5.55
N GLY A 539 27.48 -46.22 5.61
CA GLY A 539 26.04 -46.46 5.70
C GLY A 539 25.39 -45.81 6.91
N ARG A 540 26.09 -45.81 8.05
CA ARG A 540 25.53 -45.21 9.26
C ARG A 540 25.30 -43.72 9.10
N TYR A 541 26.11 -43.05 8.29
CA TYR A 541 25.97 -41.61 8.13
C TYR A 541 24.99 -41.27 7.01
N LEU A 542 24.84 -42.15 6.03
CA LEU A 542 23.74 -42.02 5.09
C LEU A 542 22.40 -42.09 5.81
N VAL A 543 22.31 -42.84 6.91
CA VAL A 543 21.08 -42.83 7.70
C VAL A 543 20.97 -41.53 8.47
N LEU A 544 22.10 -41.02 8.97
CA LEU A 544 22.09 -39.73 9.65
C LEU A 544 21.75 -38.60 8.68
N TYR A 545 22.26 -38.67 7.45
CA TYR A 545 21.91 -37.67 6.44
C TYR A 545 20.41 -37.64 6.18
N LEU A 546 19.78 -38.82 6.05
CA LEU A 546 18.34 -38.88 5.85
C LEU A 546 17.58 -38.28 7.03
N ILE A 547 18.07 -38.51 8.25
CA ILE A 547 17.44 -37.90 9.42
C ILE A 547 17.48 -36.38 9.32
N ILE A 548 18.60 -35.84 8.85
CA ILE A 548 18.71 -34.40 8.68
C ILE A 548 17.75 -33.90 7.61
N VAL A 549 17.62 -34.64 6.51
CA VAL A 549 16.78 -34.23 5.40
C VAL A 549 15.30 -34.24 5.80
N VAL A 550 14.90 -35.25 6.58
CA VAL A 550 13.52 -35.31 7.05
C VAL A 550 13.26 -34.21 8.06
N GLY A 551 14.22 -33.97 8.96
CA GLY A 551 14.10 -32.85 9.88
C GLY A 551 14.03 -31.50 9.21
N MET A 552 14.75 -31.33 8.10
CA MET A 552 14.65 -30.05 7.38
C MET A 552 13.26 -29.90 6.78
N ALA A 553 12.76 -30.95 6.12
CA ALA A 553 11.41 -30.92 5.57
C ALA A 553 10.38 -30.64 6.66
N TYR A 554 10.56 -31.26 7.83
CA TYR A 554 9.63 -31.04 8.93
C TYR A 554 9.66 -29.59 9.39
N LEU A 555 10.86 -29.05 9.61
CA LEU A 555 10.99 -27.65 10.02
C LEU A 555 10.48 -26.71 8.94
N PHE A 556 10.72 -27.05 7.68
CA PHE A 556 10.32 -26.16 6.59
C PHE A 556 8.81 -26.01 6.56
N VAL A 557 8.09 -27.13 6.64
CA VAL A 557 6.63 -27.15 6.56
C VAL A 557 5.99 -26.37 7.70
N ARG A 558 6.70 -26.22 8.82
CA ARG A 558 6.10 -25.59 10.02
C ARG A 558 6.52 -24.12 10.16
N LEU A 559 7.49 -23.67 9.38
CA LEU A 559 7.95 -22.26 9.57
C LEU A 559 6.93 -21.36 8.86
N PRO A 560 6.27 -20.45 9.59
CA PRO A 560 5.32 -19.53 8.94
C PRO A 560 6.02 -18.70 7.87
N SER A 561 5.32 -18.45 6.78
CA SER A 561 5.85 -17.62 5.71
C SER A 561 5.23 -16.23 5.78
N SER A 562 5.96 -15.26 5.23
CA SER A 562 5.50 -13.88 5.24
C SER A 562 6.27 -13.14 4.16
N PHE A 563 6.07 -11.82 4.10
CA PHE A 563 6.51 -11.01 2.98
C PHE A 563 7.76 -10.17 3.21
N LEU A 564 7.64 -9.17 4.07
CA LEU A 564 8.84 -8.37 4.44
C LEU A 564 8.60 -8.04 5.91
N PRO A 565 9.62 -8.05 6.78
CA PRO A 565 9.45 -7.65 8.18
C PRO A 565 8.87 -6.24 8.30
N ASP A 566 7.99 -6.06 9.28
CA ASP A 566 7.62 -4.72 9.69
C ASP A 566 8.84 -3.97 10.21
N GLU A 567 8.86 -2.66 9.97
CA GLU A 567 9.90 -1.78 10.47
C GLU A 567 9.29 -0.66 11.30
N ASP A 568 10.06 -0.20 12.27
CA ASP A 568 9.80 1.07 12.92
C ASP A 568 10.29 2.13 11.94
N GLN A 569 9.36 2.72 11.19
CA GLN A 569 9.72 3.76 10.24
C GLN A 569 9.60 5.17 10.83
N GLY A 570 9.34 5.29 12.13
CA GLY A 570 9.20 6.58 12.75
C GLY A 570 7.86 7.24 12.54
N VAL A 571 6.90 6.55 11.93
CA VAL A 571 5.58 7.12 11.66
C VAL A 571 4.56 6.00 11.75
N PHE A 572 3.38 6.31 12.28
CA PHE A 572 2.28 5.36 12.23
C PHE A 572 0.97 6.13 12.12
N MET A 573 -0.11 5.35 11.95
CA MET A 573 -1.43 5.97 11.72
C MET A 573 -2.45 5.57 12.78
N THR A 574 -3.42 6.43 13.03
CA THR A 574 -4.52 6.09 13.92
C THR A 574 -5.85 6.50 13.30
N MET A 575 -6.71 5.49 13.12
CA MET A 575 -7.97 5.59 12.42
C MET A 575 -9.08 6.03 13.38
N VAL A 576 -9.97 6.88 12.89
CA VAL A 576 -11.10 7.38 13.66
C VAL A 576 -12.37 7.19 12.84
N GLN A 577 -13.36 6.50 13.40
CA GLN A 577 -14.61 6.18 12.70
C GLN A 577 -15.77 6.42 13.66
N LEU A 578 -16.67 7.35 13.30
CA LEU A 578 -17.82 7.68 14.13
C LEU A 578 -19.09 7.07 13.55
N PRO A 579 -20.20 7.01 14.33
CA PRO A 579 -21.40 6.35 13.81
C PRO A 579 -21.98 7.03 12.58
N ALA A 580 -23.03 6.41 12.00
CA ALA A 580 -23.71 6.94 10.83
C ALA A 580 -24.20 8.36 11.06
N GLY A 581 -23.93 9.23 10.08
CA GLY A 581 -24.47 10.57 10.15
C GLY A 581 -23.76 11.49 11.11
N ALA A 582 -22.67 11.04 11.71
CA ALA A 582 -21.93 11.90 12.63
C ALA A 582 -21.26 13.02 11.84
N THR A 583 -21.14 14.16 12.50
CA THR A 583 -20.78 15.40 11.83
C THR A 583 -19.32 15.72 12.01
N GLN A 584 -18.84 16.61 11.15
CA GLN A 584 -17.46 17.09 11.19
C GLN A 584 -17.07 17.54 12.59
N GLU A 585 -17.99 18.20 13.31
CA GLU A 585 -17.64 18.77 14.60
C GLU A 585 -17.44 17.67 15.63
N ARG A 586 -18.26 16.63 15.57
CA ARG A 586 -18.16 15.51 16.49
C ARG A 586 -16.91 14.70 16.21
N THR A 587 -16.53 14.55 14.93
CA THR A 587 -15.27 13.88 14.62
C THR A 587 -14.09 14.71 15.11
N GLN A 588 -14.19 16.04 15.08
CA GLN A 588 -13.06 16.86 15.49
C GLN A 588 -12.76 16.72 16.98
N LYS A 589 -13.77 16.54 17.82
CA LYS A 589 -13.50 16.33 19.25
C LYS A 589 -12.70 15.05 19.47
N VAL A 590 -13.06 13.98 18.77
CA VAL A 590 -12.33 12.72 18.93
C VAL A 590 -10.88 12.89 18.46
N LEU A 591 -10.68 13.50 17.29
CA LEU A 591 -9.32 13.74 16.83
C LEU A 591 -8.55 14.64 17.82
N ASN A 592 -9.22 15.61 18.41
CA ASN A 592 -8.55 16.44 19.41
C ASN A 592 -8.09 15.61 20.60
N GLU A 593 -8.95 14.72 21.08
CA GLU A 593 -8.56 13.81 22.16
C GLU A 593 -7.42 12.90 21.75
N VAL A 594 -7.46 12.39 20.52
CA VAL A 594 -6.37 11.55 20.01
C VAL A 594 -5.08 12.37 19.95
N THR A 595 -5.16 13.58 19.39
CA THR A 595 -3.98 14.43 19.32
C THR A 595 -3.44 14.75 20.72
N HIS A 596 -4.33 15.12 21.64
CA HIS A 596 -3.93 15.40 23.00
C HIS A 596 -3.22 14.22 23.65
N TYR A 597 -3.74 13.01 23.46
CA TYR A 597 -3.10 11.84 24.04
C TYR A 597 -1.65 11.71 23.59
N TYR A 598 -1.41 11.72 22.27
CA TYR A 598 -0.05 11.49 21.79
C TYR A 598 0.91 12.56 22.29
N LEU A 599 0.49 13.83 22.26
CA LEU A 599 1.35 14.92 22.70
C LEU A 599 1.40 15.03 24.21
N THR A 600 0.68 14.17 24.94
CA THR A 600 0.68 14.19 26.40
C THR A 600 1.28 12.91 26.96
N LYS A 601 0.63 11.74 26.80
CA LYS A 601 1.14 10.49 27.33
C LYS A 601 2.25 9.87 26.48
N GLU A 602 2.58 10.47 25.34
CA GLU A 602 3.65 9.94 24.45
C GLU A 602 4.58 11.09 24.09
N LYS A 603 4.56 12.14 24.88
CA LYS A 603 5.42 13.33 24.66
C LYS A 603 6.85 12.91 24.38
N ASN A 604 7.38 11.93 25.10
CA ASN A 604 8.78 11.58 24.90
C ASN A 604 9.02 10.97 23.54
N ASN A 605 8.00 10.31 22.98
CA ASN A 605 8.16 9.60 21.73
C ASN A 605 7.62 10.36 20.51
N VAL A 606 6.64 11.25 20.69
CA VAL A 606 5.91 11.83 19.57
C VAL A 606 6.42 13.23 19.27
N GLU A 607 6.70 13.49 18.00
CA GLU A 607 7.04 14.83 17.53
C GLU A 607 5.84 15.59 16.97
N SER A 608 4.88 14.92 16.33
CA SER A 608 3.78 15.65 15.74
C SER A 608 2.62 14.73 15.42
N VAL A 609 1.43 15.31 15.39
CA VAL A 609 0.23 14.62 14.96
C VAL A 609 -0.40 15.46 13.83
N PHE A 610 -0.54 14.86 12.66
CA PHE A 610 -1.13 15.48 11.48
C PHE A 610 -2.50 14.84 11.35
N ALA A 611 -3.53 15.54 11.81
CA ALA A 611 -4.87 14.99 11.91
C ALA A 611 -5.72 15.52 10.75
N PHE A 612 -6.42 14.61 10.08
CA PHE A 612 -7.23 14.94 8.91
C PHE A 612 -8.66 14.52 9.22
N ASN A 613 -9.53 15.51 9.37
CA ASN A 613 -10.94 15.29 9.67
C ASN A 613 -11.68 15.26 8.34
N GLY A 614 -12.18 14.08 7.95
CA GLY A 614 -12.97 13.98 6.73
C GLY A 614 -12.56 12.86 5.80
N PHE A 615 -11.41 12.24 6.00
CA PHE A 615 -11.16 11.00 5.29
C PHE A 615 -10.52 9.99 6.21
N GLY A 616 -10.68 8.74 5.84
CA GLY A 616 -10.05 7.65 6.54
C GLY A 616 -9.53 6.73 5.47
N PHE A 617 -9.27 5.48 5.83
CA PHE A 617 -8.94 4.50 4.81
C PHE A 617 -10.06 3.50 4.59
N ALA A 618 -11.16 3.60 5.35
CA ALA A 618 -12.40 2.97 4.91
C ALA A 618 -13.12 3.79 3.83
N GLY A 619 -12.82 5.08 3.71
CA GLY A 619 -13.66 5.97 2.93
C GLY A 619 -13.59 7.39 3.47
N ARG A 620 -14.35 8.26 2.84
CA ARG A 620 -14.42 9.66 3.21
C ARG A 620 -15.74 9.96 3.89
N GLY A 621 -15.79 11.08 4.58
CA GLY A 621 -17.03 11.45 5.21
C GLY A 621 -16.79 12.25 6.46
N GLN A 622 -17.81 13.02 6.84
CA GLN A 622 -17.75 13.82 8.03
C GLN A 622 -17.52 12.96 9.28
N ASN A 623 -17.94 11.69 9.26
CA ASN A 623 -17.74 10.81 10.41
C ASN A 623 -16.43 10.02 10.34
N THR A 624 -15.45 10.49 9.57
CA THR A 624 -14.23 9.72 9.42
C THR A 624 -13.01 10.62 9.52
N GLY A 625 -11.91 10.05 10.03
CA GLY A 625 -10.70 10.82 10.21
C GLY A 625 -9.47 9.96 10.39
N ILE A 626 -8.30 10.58 10.21
CA ILE A 626 -7.00 9.94 10.38
C ILE A 626 -6.05 10.89 11.07
N ALA A 627 -5.23 10.34 11.97
CA ALA A 627 -4.11 11.07 12.56
C ALA A 627 -2.80 10.37 12.20
N PHE A 628 -1.88 11.09 11.55
CA PHE A 628 -0.58 10.55 11.17
C PHE A 628 0.45 10.98 12.24
N VAL A 629 0.99 10.02 12.97
CA VAL A 629 1.86 10.32 14.11
C VAL A 629 3.32 10.18 13.65
N SER A 630 4.06 11.28 13.73
CA SER A 630 5.50 11.31 13.46
C SER A 630 6.25 11.28 14.78
N LEU A 631 7.17 10.33 14.92
CA LEU A 631 7.90 10.12 16.15
C LEU A 631 9.26 10.83 16.10
N LYS A 632 9.78 11.10 17.29
CA LYS A 632 11.17 11.52 17.41
C LYS A 632 12.11 10.44 16.87
N ASP A 633 13.34 10.85 16.54
CA ASP A 633 14.34 9.96 15.97
C ASP A 633 14.48 8.70 16.81
N TRP A 634 14.75 7.58 16.14
CA TRP A 634 14.97 6.31 16.84
C TRP A 634 15.99 6.47 17.97
N ALA A 635 17.00 7.33 17.78
CA ALA A 635 18.01 7.56 18.81
C ALA A 635 17.38 8.01 20.12
N ASP A 636 16.46 8.96 20.07
CA ASP A 636 15.80 9.45 21.28
C ASP A 636 14.71 8.53 21.78
N ARG A 637 14.56 7.35 21.20
CA ARG A 637 13.51 6.40 21.59
C ARG A 637 14.11 5.03 21.95
N PRO A 638 15.07 4.98 22.89
CA PRO A 638 15.66 3.70 23.24
C PRO A 638 14.64 2.81 23.92
N GLY A 639 14.71 1.53 23.63
CA GLY A 639 13.86 0.61 24.35
C GLY A 639 12.80 -0.05 23.49
N GLU A 640 12.54 -1.33 23.78
CA GLU A 640 11.44 -2.06 23.16
C GLU A 640 10.10 -1.33 23.34
N GLU A 641 9.91 -0.67 24.49
CA GLU A 641 8.64 -0.04 24.81
C GLU A 641 8.44 1.30 24.09
N ASN A 642 9.48 1.88 23.49
CA ASN A 642 9.38 3.14 22.77
C ASN A 642 9.47 2.96 21.25
N LYS A 643 9.17 1.76 20.75
CA LYS A 643 9.13 1.51 19.32
C LYS A 643 7.69 1.50 18.84
N VAL A 644 7.53 1.68 17.52
CA VAL A 644 6.20 1.86 16.93
C VAL A 644 5.25 0.78 17.41
N GLU A 645 5.72 -0.47 17.40
CA GLU A 645 4.85 -1.59 17.76
C GLU A 645 4.31 -1.44 19.18
N ALA A 646 5.14 -0.94 20.10
CA ALA A 646 4.70 -0.80 21.49
C ALA A 646 3.82 0.44 21.68
N ILE A 647 4.22 1.57 21.09
CA ILE A 647 3.39 2.76 21.15
C ILE A 647 2.01 2.46 20.56
N THR A 648 1.97 1.70 19.47
CA THR A 648 0.72 1.44 18.79
C THR A 648 -0.24 0.64 19.67
N MET A 649 0.28 -0.33 20.41
CA MET A 649 -0.57 -1.14 21.28
C MET A 649 -1.07 -0.34 22.48
N ARG A 650 -0.21 0.51 23.05
CA ARG A 650 -0.63 1.35 24.16
C ARG A 650 -1.76 2.29 23.74
N ALA A 651 -1.58 2.95 22.59
CA ALA A 651 -2.59 3.89 22.08
C ALA A 651 -3.93 3.19 21.87
N THR A 652 -3.93 2.08 21.13
CA THR A 652 -5.16 1.34 20.88
C THR A 652 -5.84 0.98 22.19
N ARG A 653 -5.08 0.48 23.16
CA ARG A 653 -5.64 0.18 24.48
C ARG A 653 -6.26 1.43 25.10
N ALA A 654 -5.52 2.54 25.11
CA ALA A 654 -6.03 3.75 25.71
C ALA A 654 -7.31 4.22 25.03
N PHE A 655 -7.39 4.05 23.71
CA PHE A 655 -8.54 4.54 22.97
C PHE A 655 -9.73 3.62 23.04
N SER A 656 -9.57 2.43 23.63
CA SER A 656 -10.70 1.52 23.81
C SER A 656 -11.83 2.14 24.63
N GLN A 657 -11.53 3.16 25.44
CA GLN A 657 -12.56 3.77 26.27
C GLN A 657 -13.35 4.83 25.54
N ILE A 658 -12.81 5.40 24.45
CA ILE A 658 -13.55 6.40 23.67
C ILE A 658 -14.88 5.81 23.24
N LYS A 659 -15.97 6.47 23.63
CA LYS A 659 -17.30 5.93 23.41
C LYS A 659 -17.94 6.45 22.14
N ASP A 660 -17.56 7.63 21.67
CA ASP A 660 -18.18 8.21 20.50
C ASP A 660 -17.70 7.58 19.19
N ALA A 661 -16.67 6.73 19.22
CA ALA A 661 -15.99 6.36 17.98
C ALA A 661 -15.23 5.05 18.16
N MET A 662 -14.86 4.46 17.02
CA MET A 662 -13.85 3.40 16.95
C MET A 662 -12.53 4.05 16.57
N VAL A 663 -11.52 3.92 17.44
CA VAL A 663 -10.21 4.53 17.26
C VAL A 663 -9.14 3.43 17.34
N PHE A 664 -8.38 3.25 16.27
CA PHE A 664 -7.37 2.20 16.19
C PHE A 664 -6.05 2.76 15.68
N ALA A 665 -4.95 2.44 16.35
CA ALA A 665 -3.62 2.75 15.86
C ALA A 665 -3.00 1.53 15.18
N PHE A 666 -2.08 1.77 14.25
CA PHE A 666 -1.36 0.66 13.63
C PHE A 666 -0.18 1.17 12.83
N ASN A 667 0.79 0.27 12.60
CA ASN A 667 2.03 0.56 11.90
C ASN A 667 1.78 0.66 10.40
N LEU A 668 2.72 1.30 9.69
CA LEU A 668 2.70 1.21 8.25
C LEU A 668 3.22 -0.16 7.78
N PRO A 669 2.82 -0.60 6.59
CA PRO A 669 3.51 -1.73 5.96
C PRO A 669 4.95 -1.35 5.62
N ALA A 670 5.78 -2.38 5.43
CA ALA A 670 7.17 -2.13 5.07
C ALA A 670 7.27 -1.37 3.76
N ILE A 671 6.42 -1.71 2.79
CA ILE A 671 6.37 -1.01 1.50
C ILE A 671 4.99 -0.40 1.42
N VAL A 672 4.89 0.91 1.70
CA VAL A 672 3.56 1.52 1.84
C VAL A 672 2.87 1.58 0.47
N GLU A 673 3.63 1.70 -0.62
CA GLU A 673 3.05 1.68 -1.96
C GLU A 673 2.27 0.38 -2.22
N LEU A 674 2.60 -0.71 -1.51
CA LEU A 674 1.96 -2.02 -1.80
C LEU A 674 0.89 -2.29 -0.75
N GLY A 675 1.15 -1.86 0.48
CA GLY A 675 0.19 -2.08 1.58
C GLY A 675 0.17 -3.50 2.12
N THR A 676 -0.78 -3.80 3.00
CA THR A 676 -1.00 -5.12 3.66
C THR A 676 0.08 -6.19 3.39
N ALA A 677 -0.19 -7.16 2.49
CA ALA A 677 0.67 -8.33 2.19
C ALA A 677 0.22 -9.42 3.17
N THR A 678 -0.30 -9.01 4.32
CA THR A 678 -0.88 -9.99 5.26
C THR A 678 -2.32 -10.27 4.88
N GLY A 679 -2.70 -11.53 4.77
CA GLY A 679 -4.11 -11.86 4.54
C GLY A 679 -4.55 -11.93 3.10
N PHE A 680 -5.86 -11.90 2.91
CA PHE A 680 -6.44 -11.95 1.57
C PHE A 680 -7.33 -10.72 1.32
N ASP A 681 -7.76 -10.60 0.07
CA ASP A 681 -8.41 -9.39 -0.45
C ASP A 681 -9.47 -9.85 -1.43
N PHE A 682 -10.70 -9.97 -0.95
CA PHE A 682 -11.79 -10.64 -1.64
C PHE A 682 -12.75 -9.60 -2.20
N GLU A 683 -13.30 -9.85 -3.38
CA GLU A 683 -14.29 -8.95 -3.99
C GLU A 683 -15.55 -9.73 -4.22
N LEU A 684 -16.65 -9.31 -3.58
CA LEU A 684 -17.98 -9.83 -3.87
C LEU A 684 -18.64 -8.96 -4.94
N ILE A 685 -19.28 -9.60 -5.92
CA ILE A 685 -19.60 -8.93 -7.18
C ILE A 685 -21.03 -9.23 -7.58
N ASP A 686 -21.79 -8.18 -7.88
CA ASP A 686 -23.15 -8.31 -8.40
C ASP A 686 -23.09 -8.56 -9.91
N GLN A 687 -23.38 -9.80 -10.32
CA GLN A 687 -23.21 -10.26 -11.70
C GLN A 687 -24.52 -10.50 -12.41
N ALA A 688 -25.62 -10.51 -11.70
CA ALA A 688 -26.88 -10.25 -12.35
C ALA A 688 -27.14 -8.79 -12.03
N GLY A 689 -28.30 -8.28 -12.34
CA GLY A 689 -28.56 -6.93 -11.89
C GLY A 689 -29.28 -6.87 -10.57
N LEU A 690 -28.68 -7.47 -9.52
CA LEU A 690 -29.41 -7.67 -8.28
C LEU A 690 -29.58 -6.38 -7.51
N GLY A 691 -28.62 -5.45 -7.63
CA GLY A 691 -28.71 -4.17 -6.96
C GLY A 691 -28.06 -4.20 -5.59
N HIS A 692 -27.86 -3.00 -5.05
CA HIS A 692 -26.99 -2.80 -3.90
C HIS A 692 -27.52 -3.49 -2.64
N GLU A 693 -28.83 -3.41 -2.40
CA GLU A 693 -29.41 -3.97 -1.19
C GLU A 693 -29.23 -5.48 -1.17
N LYS A 694 -29.55 -6.14 -2.30
CA LYS A 694 -29.30 -7.57 -2.41
C LYS A 694 -27.81 -7.89 -2.28
N LEU A 695 -26.93 -7.01 -2.78
CA LEU A 695 -25.51 -7.31 -2.65
C LEU A 695 -25.07 -7.23 -1.19
N THR A 696 -25.60 -6.27 -0.44
CA THR A 696 -25.28 -6.17 0.99
C THR A 696 -25.75 -7.41 1.74
N GLN A 697 -26.94 -7.90 1.41
CA GLN A 697 -27.48 -9.12 2.03
C GLN A 697 -26.55 -10.30 1.78
N ALA A 698 -26.25 -10.55 0.50
CA ALA A 698 -25.28 -11.59 0.17
C ALA A 698 -23.98 -11.39 0.94
N ARG A 699 -23.50 -10.14 1.02
CA ARG A 699 -22.27 -9.89 1.76
C ARG A 699 -22.42 -10.24 3.22
N ASN A 700 -23.54 -9.86 3.83
CA ASN A 700 -23.75 -10.16 5.24
C ASN A 700 -23.84 -11.66 5.47
N GLN A 701 -24.49 -12.37 4.55
CA GLN A 701 -24.52 -13.82 4.59
C GLN A 701 -23.11 -14.41 4.62
N LEU A 702 -22.27 -14.05 3.65
CA LEU A 702 -20.91 -14.56 3.62
C LEU A 702 -20.12 -14.20 4.88
N LEU A 703 -20.33 -12.99 5.42
CA LEU A 703 -19.63 -12.59 6.62
C LEU A 703 -20.05 -13.43 7.83
N ALA A 704 -21.34 -13.79 7.89
CA ALA A 704 -21.83 -14.60 9.01
C ALA A 704 -21.24 -16.01 8.97
N GLU A 705 -21.30 -16.66 7.80
CA GLU A 705 -20.65 -17.95 7.63
C GLU A 705 -19.19 -17.90 8.01
N ALA A 706 -18.46 -16.88 7.52
CA ALA A 706 -17.04 -16.81 7.78
C ALA A 706 -16.75 -16.76 9.28
N ALA A 707 -17.60 -16.06 10.03
CA ALA A 707 -17.42 -15.98 11.47
C ALA A 707 -17.71 -17.30 12.17
N LYS A 708 -18.22 -18.29 11.44
CA LYS A 708 -18.50 -19.61 11.96
C LYS A 708 -17.45 -20.63 11.55
N HIS A 709 -16.28 -20.16 11.11
CA HIS A 709 -15.08 -20.98 10.94
C HIS A 709 -13.89 -20.21 11.50
N PRO A 710 -13.92 -19.83 12.78
CA PRO A 710 -12.82 -19.01 13.33
C PRO A 710 -11.52 -19.79 13.50
N ASP A 711 -11.53 -21.09 13.24
CA ASP A 711 -10.31 -21.89 13.16
C ASP A 711 -9.59 -21.70 11.82
N MET A 712 -10.30 -21.18 10.82
CA MET A 712 -9.77 -21.02 9.48
C MET A 712 -9.60 -19.56 9.11
N LEU A 713 -10.67 -18.77 9.16
CA LEU A 713 -10.66 -17.35 8.86
C LEU A 713 -10.80 -16.56 10.15
N THR A 714 -10.09 -15.42 10.24
CA THR A 714 -10.32 -14.49 11.34
C THR A 714 -10.34 -13.07 10.79
N SER A 715 -11.18 -12.22 11.40
CA SER A 715 -11.25 -10.79 11.10
C SER A 715 -11.69 -10.51 9.66
N VAL A 716 -12.59 -11.33 9.15
CA VAL A 716 -13.09 -11.10 7.79
C VAL A 716 -14.23 -10.10 7.90
N ARG A 717 -14.09 -9.00 7.17
CA ARG A 717 -14.79 -7.76 7.44
C ARG A 717 -14.91 -7.00 6.13
N PRO A 718 -15.89 -6.10 6.00
CA PRO A 718 -15.96 -5.25 4.81
C PRO A 718 -14.89 -4.17 4.85
N ASN A 719 -14.30 -3.89 3.69
CA ASN A 719 -13.38 -2.78 3.60
C ASN A 719 -14.08 -1.42 3.56
N GLY A 720 -15.32 -1.35 3.10
CA GLY A 720 -15.96 -0.07 2.86
C GLY A 720 -16.89 0.37 3.98
N LEU A 721 -17.93 1.11 3.60
CA LEU A 721 -18.83 1.73 4.54
C LEU A 721 -20.23 1.14 4.42
N GLU A 722 -20.98 1.23 5.51
CA GLU A 722 -22.36 0.77 5.60
C GLU A 722 -23.34 1.88 5.18
N ASP A 723 -24.52 1.46 4.72
CA ASP A 723 -25.58 2.40 4.34
C ASP A 723 -25.95 3.31 5.51
N THR A 724 -26.32 4.55 5.20
CA THR A 724 -26.59 5.58 6.19
C THR A 724 -27.90 6.27 5.85
N PRO A 725 -28.54 6.94 6.81
CA PRO A 725 -29.78 7.67 6.48
C PRO A 725 -29.51 8.74 5.43
N GLN A 726 -30.42 8.84 4.47
CA GLN A 726 -30.41 9.99 3.59
C GLN A 726 -31.82 10.58 3.47
N PHE A 727 -31.86 11.83 3.05
CA PHE A 727 -33.07 12.63 2.97
C PHE A 727 -33.57 12.63 1.52
N LYS A 728 -34.67 11.95 1.26
CA LYS A 728 -35.14 11.79 -0.11
C LYS A 728 -36.22 12.81 -0.36
N ILE A 729 -36.00 13.72 -1.31
CA ILE A 729 -36.94 14.80 -1.58
C ILE A 729 -37.49 14.62 -3.00
N ASP A 730 -38.81 14.52 -3.09
CA ASP A 730 -39.53 14.32 -4.34
C ASP A 730 -40.08 15.67 -4.81
N ILE A 731 -39.78 16.04 -6.05
CA ILE A 731 -40.38 17.22 -6.66
C ILE A 731 -41.65 16.75 -7.36
N ASP A 732 -42.76 17.41 -7.10
CA ASP A 732 -44.02 17.01 -7.73
C ASP A 732 -44.12 17.74 -9.07
N GLN A 733 -44.01 16.99 -10.16
CA GLN A 733 -43.95 17.64 -11.46
C GLN A 733 -45.26 18.36 -11.78
N GLU A 734 -46.39 17.79 -11.34
CA GLU A 734 -47.69 18.39 -11.65
C GLU A 734 -47.88 19.73 -10.96
N LYS A 735 -47.56 19.80 -9.67
CA LYS A 735 -47.72 21.05 -8.94
C LYS A 735 -46.79 22.13 -9.47
N ALA A 736 -45.55 21.75 -9.83
CA ALA A 736 -44.61 22.72 -10.42
C ALA A 736 -45.18 23.32 -11.69
N GLN A 737 -45.71 22.46 -12.59
CA GLN A 737 -46.27 22.93 -13.85
C GLN A 737 -47.50 23.79 -13.62
N ALA A 738 -48.33 23.42 -12.64
CA ALA A 738 -49.50 24.20 -12.30
C ALA A 738 -49.11 25.60 -11.84
N LEU A 739 -48.11 25.68 -10.97
CA LEU A 739 -47.64 26.97 -10.49
C LEU A 739 -46.83 27.72 -11.54
N GLY A 740 -46.45 27.07 -12.63
CA GLY A 740 -45.56 27.73 -13.57
C GLY A 740 -44.14 27.87 -13.08
N VAL A 741 -43.67 26.93 -12.27
CA VAL A 741 -42.29 26.89 -11.82
C VAL A 741 -41.53 25.89 -12.68
N SER A 742 -40.44 26.32 -13.30
CA SER A 742 -39.74 25.38 -14.17
C SER A 742 -38.84 24.45 -13.35
N ILE A 743 -38.68 23.22 -13.81
CA ILE A 743 -37.89 22.23 -13.02
C ILE A 743 -36.41 22.62 -13.03
N ASN A 744 -35.98 23.33 -14.06
CA ASN A 744 -34.59 23.74 -14.08
C ASN A 744 -34.30 24.76 -12.99
N ASP A 745 -35.21 25.73 -12.81
CA ASP A 745 -35.05 26.68 -11.72
C ASP A 745 -35.12 25.97 -10.37
N ILE A 746 -35.92 24.90 -10.29
CA ILE A 746 -36.07 24.17 -9.03
C ILE A 746 -34.77 23.45 -8.70
N ASN A 747 -34.31 22.58 -9.61
CA ASN A 747 -33.10 21.81 -9.34
C ASN A 747 -31.87 22.70 -9.24
N THR A 748 -31.81 23.77 -10.02
CA THR A 748 -30.65 24.65 -9.86
C THR A 748 -30.70 25.40 -8.52
N THR A 749 -31.89 25.84 -8.07
CA THR A 749 -31.96 26.47 -6.75
C THR A 749 -31.57 25.50 -5.64
N LEU A 750 -32.10 24.28 -5.67
CA LEU A 750 -31.74 23.30 -4.65
C LEU A 750 -30.26 22.95 -4.70
N GLY A 751 -29.73 22.67 -5.89
CA GLY A 751 -28.34 22.25 -6.01
C GLY A 751 -27.35 23.33 -5.65
N ALA A 752 -27.54 24.53 -6.21
CA ALA A 752 -26.62 25.64 -5.94
C ALA A 752 -26.63 26.02 -4.46
N ALA A 753 -27.81 26.10 -3.83
CA ALA A 753 -27.89 26.51 -2.44
C ALA A 753 -27.34 25.43 -1.50
N TRP A 754 -27.74 24.18 -1.69
CA TRP A 754 -27.39 23.14 -0.73
C TRP A 754 -26.09 22.40 -1.08
N GLY A 755 -25.77 22.31 -2.36
CA GLY A 755 -24.52 21.64 -2.73
C GLY A 755 -23.42 22.60 -3.12
N GLY A 756 -23.79 23.80 -3.54
CA GLY A 756 -22.84 24.75 -4.04
C GLY A 756 -22.61 24.55 -5.52
N SER A 757 -22.10 25.60 -6.17
CA SER A 757 -21.94 25.54 -7.62
C SER A 757 -20.74 26.37 -8.06
N TYR A 758 -19.93 25.78 -8.94
CA TYR A 758 -18.80 26.48 -9.55
C TYR A 758 -19.32 27.33 -10.71
N VAL A 759 -19.28 28.66 -10.57
CA VAL A 759 -19.88 29.53 -11.58
C VAL A 759 -18.90 29.81 -12.70
N ASN A 760 -17.83 30.55 -12.41
CA ASN A 760 -16.78 30.86 -13.39
C ASN A 760 -15.54 31.27 -12.60
N ASP A 761 -14.57 31.87 -13.30
CA ASP A 761 -13.27 32.22 -12.76
C ASP A 761 -13.16 33.73 -12.55
N PHE A 762 -12.25 34.10 -11.64
CA PHE A 762 -11.93 35.48 -11.35
C PHE A 762 -10.41 35.56 -11.21
N ILE A 763 -9.88 36.76 -10.98
CA ILE A 763 -8.43 36.93 -10.87
C ILE A 763 -8.12 37.50 -9.49
N ASP A 764 -7.39 36.74 -8.68
CA ASP A 764 -7.01 37.14 -7.33
C ASP A 764 -5.49 37.38 -7.29
N ARG A 765 -5.09 38.65 -7.13
CA ARG A 765 -3.67 39.03 -7.14
C ARG A 765 -2.92 38.42 -8.32
N GLY A 766 -3.51 38.56 -9.53
CA GLY A 766 -2.86 38.11 -10.74
C GLY A 766 -3.11 36.67 -11.15
N ARG A 767 -3.67 35.83 -10.27
CA ARG A 767 -3.83 34.40 -10.51
C ARG A 767 -5.31 34.03 -10.67
N VAL A 768 -5.62 33.20 -11.69
CA VAL A 768 -7.01 32.79 -11.97
C VAL A 768 -7.46 31.73 -10.96
N LYS A 769 -8.63 31.97 -10.42
CA LYS A 769 -9.20 31.07 -9.38
C LYS A 769 -10.71 30.98 -9.61
N LYS A 770 -11.39 30.13 -8.84
CA LYS A 770 -12.80 29.85 -9.05
C LYS A 770 -13.71 30.75 -8.22
N VAL A 771 -14.94 30.93 -8.72
CA VAL A 771 -16.07 31.52 -7.99
C VAL A 771 -17.07 30.41 -7.70
N TYR A 772 -17.55 30.33 -6.45
CA TYR A 772 -18.55 29.36 -6.03
C TYR A 772 -19.70 30.09 -5.36
N VAL A 773 -20.89 29.68 -5.70
CA VAL A 773 -22.11 30.20 -5.03
C VAL A 773 -22.63 29.04 -4.19
N MET A 774 -23.07 29.34 -2.97
CA MET A 774 -23.65 28.33 -2.08
C MET A 774 -24.43 29.10 -1.03
N SER A 775 -25.40 28.46 -0.41
CA SER A 775 -26.11 29.13 0.68
C SER A 775 -25.18 29.30 1.85
N GLU A 776 -25.35 30.40 2.56
CA GLU A 776 -24.69 30.51 3.85
C GLU A 776 -25.15 29.36 4.74
N ALA A 777 -24.23 28.86 5.57
CA ALA A 777 -24.44 27.58 6.25
C ALA A 777 -25.77 27.53 7.00
N LYS A 778 -26.13 28.61 7.69
CA LYS A 778 -27.30 28.57 8.56
C LYS A 778 -28.62 28.39 7.83
N TYR A 779 -28.66 28.46 6.49
CA TYR A 779 -29.91 28.24 5.77
C TYR A 779 -29.95 26.92 5.03
N ARG A 780 -28.97 26.05 5.32
CA ARG A 780 -28.85 24.75 4.61
C ARG A 780 -28.42 23.64 5.57
N MET A 781 -29.02 23.59 6.75
CA MET A 781 -28.55 22.62 7.75
C MET A 781 -29.54 21.49 8.00
N LEU A 782 -30.84 21.79 8.07
CA LEU A 782 -31.83 20.82 8.52
C LEU A 782 -33.06 20.81 7.61
N PRO A 783 -33.90 19.78 7.68
CA PRO A 783 -35.02 19.70 6.72
C PRO A 783 -35.93 20.90 6.74
N ASP A 784 -36.14 21.52 7.90
CA ASP A 784 -36.96 22.72 7.96
C ASP A 784 -36.38 23.88 7.14
N ASP A 785 -35.07 23.88 6.88
CA ASP A 785 -34.53 24.93 6.03
C ASP A 785 -35.02 24.82 4.59
N ILE A 786 -35.49 23.63 4.16
CA ILE A 786 -35.89 23.44 2.76
C ILE A 786 -36.92 24.49 2.35
N GLY A 787 -37.89 24.76 3.22
CA GLY A 787 -38.98 25.66 2.91
C GLY A 787 -38.64 27.13 2.93
N ASP A 788 -37.42 27.49 3.28
CA ASP A 788 -37.07 28.90 3.25
C ASP A 788 -36.53 29.32 1.90
N TRP A 789 -36.49 28.37 0.98
CA TRP A 789 -35.96 28.64 -0.37
C TRP A 789 -37.11 28.81 -1.35
N TYR A 790 -37.11 29.93 -2.06
CA TYR A 790 -38.18 30.26 -2.99
C TYR A 790 -37.63 30.30 -4.40
N VAL A 791 -38.48 29.88 -5.33
CA VAL A 791 -38.22 29.87 -6.77
C VAL A 791 -39.28 30.74 -7.42
N ARG A 792 -38.91 31.49 -8.45
CA ARG A 792 -39.85 32.41 -9.09
C ARG A 792 -40.56 31.73 -10.25
N ALA A 793 -41.88 31.77 -10.23
CA ALA A 793 -42.69 31.21 -11.30
C ALA A 793 -42.67 32.12 -12.52
N ALA A 794 -43.14 31.56 -13.64
CA ALA A 794 -43.31 32.31 -14.88
C ALA A 794 -44.10 33.60 -14.67
N ASP A 795 -45.12 33.58 -13.82
CA ASP A 795 -45.92 34.77 -13.59
C ASP A 795 -45.28 35.71 -12.58
N GLY A 796 -44.06 35.40 -12.12
CA GLY A 796 -43.34 36.30 -11.26
C GLY A 796 -43.57 36.11 -9.78
N GLN A 797 -44.49 35.24 -9.38
CA GLN A 797 -44.68 34.99 -7.96
C GLN A 797 -43.55 34.14 -7.39
N MET A 798 -43.17 34.42 -6.15
CA MET A 798 -42.21 33.59 -5.42
C MET A 798 -42.92 32.40 -4.80
N VAL A 799 -42.41 31.20 -5.06
CA VAL A 799 -43.03 29.96 -4.59
C VAL A 799 -42.07 29.23 -3.65
N PRO A 800 -42.46 28.94 -2.42
CA PRO A 800 -41.57 28.19 -1.52
C PRO A 800 -41.44 26.72 -1.94
N PHE A 801 -40.27 26.15 -1.70
CA PHE A 801 -39.99 24.74 -2.04
C PHE A 801 -41.01 23.80 -1.39
N SER A 802 -41.52 24.17 -0.22
CA SER A 802 -42.52 23.32 0.43
C SER A 802 -43.79 23.18 -0.40
N ALA A 803 -44.08 24.12 -1.29
CA ALA A 803 -45.30 24.00 -2.10
C ALA A 803 -45.23 22.85 -3.11
N PHE A 804 -44.05 22.48 -3.62
CA PHE A 804 -44.02 21.52 -4.72
C PHE A 804 -43.14 20.32 -4.41
N SER A 805 -42.84 20.07 -3.14
CA SER A 805 -41.92 18.99 -2.79
C SER A 805 -42.44 18.25 -1.58
N SER A 806 -42.07 16.98 -1.48
CA SER A 806 -42.26 16.19 -0.27
C SER A 806 -40.96 15.44 0.02
N SER A 807 -40.81 14.97 1.25
CA SER A 807 -39.57 14.29 1.60
C SER A 807 -39.77 13.23 2.65
N ARG A 808 -38.81 12.30 2.69
CA ARG A 808 -38.83 11.18 3.62
C ARG A 808 -37.40 10.72 3.88
N TRP A 809 -37.21 10.05 5.01
CA TRP A 809 -35.94 9.40 5.28
C TRP A 809 -35.88 8.04 4.58
N GLU A 810 -34.69 7.67 4.14
CA GLU A 810 -34.46 6.33 3.62
C GLU A 810 -32.99 6.00 3.88
N TYR A 811 -32.57 4.82 3.45
CA TYR A 811 -31.18 4.42 3.60
C TYR A 811 -30.55 4.30 2.23
N GLY A 812 -29.29 4.66 2.13
CA GLY A 812 -28.53 4.46 0.91
C GLY A 812 -27.06 4.54 1.24
N SER A 813 -26.25 4.38 0.21
CA SER A 813 -24.83 4.16 0.39
C SER A 813 -24.07 5.47 0.41
N PRO A 814 -23.17 5.70 1.38
CA PRO A 814 -22.24 6.82 1.27
C PRO A 814 -21.04 6.51 0.40
N ARG A 815 -20.89 5.29 -0.10
CA ARG A 815 -19.70 4.91 -0.87
C ARG A 815 -19.91 3.62 -1.64
N LEU A 816 -20.06 3.73 -2.95
CA LEU A 816 -20.38 2.59 -3.79
C LEU A 816 -19.12 2.06 -4.42
N GLU A 817 -18.98 0.75 -4.48
CA GLU A 817 -17.77 0.14 -5.01
C GLU A 817 -18.09 -0.63 -6.27
N ARG A 818 -17.14 -0.65 -7.18
CA ARG A 818 -17.26 -1.44 -8.39
C ARG A 818 -15.95 -2.17 -8.61
N TYR A 819 -16.04 -3.36 -9.20
CA TYR A 819 -14.87 -4.16 -9.51
C TYR A 819 -15.04 -4.68 -10.91
N ASN A 820 -14.06 -4.41 -11.77
CA ASN A 820 -14.11 -4.77 -13.19
C ASN A 820 -15.45 -4.37 -13.81
N GLY A 821 -15.97 -3.20 -13.43
CA GLY A 821 -17.16 -2.68 -14.09
C GLY A 821 -18.51 -3.07 -13.50
N LEU A 822 -18.53 -3.82 -12.39
CA LEU A 822 -19.77 -4.31 -11.82
C LEU A 822 -19.85 -3.94 -10.36
N PRO A 823 -21.05 -3.76 -9.81
CA PRO A 823 -21.16 -3.40 -8.39
C PRO A 823 -20.47 -4.46 -7.54
N SER A 824 -19.77 -4.01 -6.51
CA SER A 824 -18.92 -4.92 -5.79
C SER A 824 -18.82 -4.49 -4.34
N MET A 825 -18.40 -5.42 -3.49
CA MET A 825 -18.08 -5.12 -2.11
C MET A 825 -16.80 -5.82 -1.71
N GLU A 826 -15.79 -5.06 -1.30
CA GLU A 826 -14.50 -5.62 -0.96
C GLU A 826 -14.48 -6.16 0.47
N ILE A 827 -14.00 -7.39 0.62
CA ILE A 827 -13.90 -8.05 1.92
C ILE A 827 -12.43 -8.36 2.21
N LEU A 828 -11.92 -7.85 3.32
CA LEU A 828 -10.60 -8.21 3.81
C LEU A 828 -10.70 -9.36 4.82
N GLY A 829 -9.55 -9.93 5.16
CA GLY A 829 -9.50 -11.09 6.03
C GLY A 829 -8.10 -11.65 6.10
N GLN A 830 -7.96 -12.75 6.85
CA GLN A 830 -6.66 -13.40 6.98
C GLN A 830 -6.84 -14.81 7.53
N ALA A 831 -5.87 -15.67 7.23
CA ALA A 831 -5.88 -17.02 7.75
C ALA A 831 -5.72 -17.02 9.27
N ALA A 832 -6.46 -17.93 9.93
CA ALA A 832 -6.36 -18.06 11.37
C ALA A 832 -4.95 -18.45 11.78
N PRO A 833 -4.55 -18.17 13.04
CA PRO A 833 -3.20 -18.53 13.51
C PRO A 833 -2.77 -19.94 13.12
N GLY A 834 -1.55 -20.04 12.56
CA GLY A 834 -1.02 -21.30 12.06
C GLY A 834 -1.66 -21.84 10.81
N LYS A 835 -2.57 -21.09 10.20
CA LYS A 835 -3.21 -21.53 8.96
C LYS A 835 -2.62 -20.78 7.77
N SER A 836 -2.68 -21.42 6.61
CA SER A 836 -2.15 -20.84 5.38
C SER A 836 -3.16 -19.88 4.77
N THR A 837 -2.69 -18.69 4.34
CA THR A 837 -3.60 -17.83 3.60
C THR A 837 -4.04 -18.49 2.30
N GLY A 838 -3.26 -19.43 1.77
CA GLY A 838 -3.70 -20.17 0.60
C GLY A 838 -4.88 -21.09 0.87
N GLU A 839 -5.01 -21.59 2.10
CA GLU A 839 -6.12 -22.48 2.41
C GLU A 839 -7.34 -21.71 2.93
N ALA A 840 -7.11 -20.67 3.74
CA ALA A 840 -8.17 -19.72 4.07
C ALA A 840 -8.87 -19.25 2.80
N MET A 841 -8.11 -18.95 1.76
CA MET A 841 -8.69 -18.55 0.50
C MET A 841 -9.57 -19.63 -0.10
N GLU A 842 -9.23 -20.90 0.11
CA GLU A 842 -10.06 -21.99 -0.41
C GLU A 842 -11.40 -22.06 0.30
N LEU A 843 -11.40 -21.84 1.63
CA LEU A 843 -12.66 -21.82 2.37
C LEU A 843 -13.56 -20.67 1.90
N MET A 844 -12.97 -19.48 1.75
CA MET A 844 -13.73 -18.32 1.27
C MET A 844 -14.49 -18.66 -0.01
N GLU A 845 -13.82 -19.31 -0.97
CA GLU A 845 -14.51 -19.63 -2.21
C GLU A 845 -15.62 -20.64 -2.03
N GLN A 846 -15.45 -21.57 -1.07
CA GLN A 846 -16.49 -22.57 -0.86
C GLN A 846 -17.71 -21.93 -0.21
N LEU A 847 -17.49 -21.06 0.77
CA LEU A 847 -18.58 -20.28 1.34
C LEU A 847 -19.25 -19.42 0.26
N ALA A 848 -18.44 -18.73 -0.55
CA ALA A 848 -18.97 -17.86 -1.59
C ALA A 848 -19.85 -18.63 -2.58
N SER A 849 -19.53 -19.90 -2.82
CA SER A 849 -20.31 -20.66 -3.79
C SER A 849 -21.73 -20.97 -3.32
N LYS A 850 -22.07 -20.70 -2.06
CA LYS A 850 -23.43 -20.95 -1.58
C LYS A 850 -24.34 -19.74 -1.70
N LEU A 851 -23.80 -18.58 -2.05
CA LEU A 851 -24.54 -17.33 -2.02
C LEU A 851 -25.63 -17.33 -3.09
N PRO A 852 -26.61 -16.42 -2.98
CA PRO A 852 -27.69 -16.38 -3.96
C PRO A 852 -27.19 -16.32 -5.41
N THR A 853 -28.03 -16.82 -6.32
CA THR A 853 -27.68 -16.80 -7.73
C THR A 853 -27.50 -15.37 -8.20
N GLY A 854 -26.51 -15.14 -9.05
CA GLY A 854 -26.18 -13.81 -9.54
C GLY A 854 -25.08 -13.11 -8.78
N VAL A 855 -24.69 -13.61 -7.62
CA VAL A 855 -23.56 -13.10 -6.86
C VAL A 855 -22.33 -13.94 -7.17
N GLY A 856 -21.23 -13.26 -7.49
CA GLY A 856 -19.99 -13.93 -7.82
C GLY A 856 -18.85 -13.31 -7.06
N TYR A 857 -17.61 -13.67 -7.40
CA TYR A 857 -16.51 -13.21 -6.58
C TYR A 857 -15.22 -13.21 -7.40
N ASP A 858 -14.22 -12.55 -6.87
CA ASP A 858 -12.93 -12.46 -7.53
C ASP A 858 -11.91 -12.09 -6.47
N TRP A 859 -10.65 -12.31 -6.80
CA TRP A 859 -9.57 -11.98 -5.90
C TRP A 859 -8.74 -10.86 -6.50
N THR A 860 -8.24 -9.98 -5.65
CA THR A 860 -7.56 -8.78 -6.09
C THR A 860 -6.34 -8.58 -5.19
N GLY A 861 -5.48 -7.63 -5.58
CA GLY A 861 -4.35 -7.26 -4.75
C GLY A 861 -3.38 -8.41 -4.55
N MET A 862 -2.88 -8.55 -3.32
CA MET A 862 -1.89 -9.60 -2.98
C MET A 862 -2.47 -10.99 -3.25
N SER A 863 -3.79 -11.13 -3.13
CA SER A 863 -4.40 -12.43 -3.36
C SER A 863 -4.50 -12.77 -4.84
N TYR A 864 -4.63 -11.77 -5.70
CA TYR A 864 -4.62 -12.03 -7.13
C TYR A 864 -3.28 -12.61 -7.56
N GLN A 865 -2.19 -12.03 -7.05
CA GLN A 865 -0.85 -12.49 -7.40
C GLN A 865 -0.63 -13.93 -6.95
N GLU A 866 -1.02 -14.25 -5.72
CA GLU A 866 -0.87 -15.62 -5.19
C GLU A 866 -1.46 -16.65 -6.14
N ARG A 867 -2.69 -16.39 -6.59
CA ARG A 867 -3.39 -17.38 -7.44
C ARG A 867 -2.79 -17.46 -8.84
N LEU A 868 -1.71 -16.71 -9.09
CA LEU A 868 -1.07 -16.71 -10.43
C LEU A 868 0.43 -16.93 -10.26
N SER A 869 0.89 -17.30 -9.06
CA SER A 869 2.34 -17.42 -8.80
C SER A 869 2.65 -18.39 -7.65
N GLY A 870 1.87 -19.47 -7.50
CA GLY A 870 2.20 -20.47 -6.46
C GLY A 870 2.91 -21.65 -7.11
N ASN A 871 2.60 -21.92 -8.37
CA ASN A 871 3.25 -23.01 -9.10
C ASN A 871 4.71 -22.70 -9.47
N GLN A 872 5.25 -21.54 -9.07
CA GLN A 872 6.54 -21.08 -9.58
C GLN A 872 7.72 -21.63 -8.81
N ALA A 873 7.69 -21.56 -7.48
CA ALA A 873 8.85 -21.97 -6.67
C ALA A 873 9.36 -23.38 -6.95
N PRO A 874 8.53 -24.41 -7.19
CA PRO A 874 9.09 -25.75 -7.41
C PRO A 874 9.66 -25.90 -8.81
N SER A 875 8.97 -25.33 -9.81
CA SER A 875 9.43 -25.49 -11.18
C SER A 875 10.64 -24.60 -11.48
N LEU A 876 10.64 -23.37 -10.97
CA LEU A 876 11.80 -22.51 -11.16
C LEU A 876 13.04 -23.12 -10.51
N TYR A 877 12.86 -23.88 -9.44
CA TYR A 877 13.99 -24.48 -8.76
C TYR A 877 14.27 -25.92 -9.19
N ALA A 878 13.30 -26.60 -9.80
CA ALA A 878 13.65 -27.74 -10.63
C ALA A 878 14.63 -27.31 -11.72
N ILE A 879 14.33 -26.21 -12.39
CA ILE A 879 15.21 -25.68 -13.42
C ILE A 879 16.60 -25.41 -12.85
N SER A 880 16.65 -24.74 -11.71
CA SER A 880 17.93 -24.43 -11.07
C SER A 880 18.70 -25.71 -10.75
N LEU A 881 18.02 -26.71 -10.17
CA LEU A 881 18.65 -27.99 -9.88
C LEU A 881 19.29 -28.59 -11.13
N ILE A 882 18.50 -28.65 -12.22
CA ILE A 882 18.93 -29.30 -13.45
C ILE A 882 20.14 -28.58 -14.04
N VAL A 883 20.11 -27.25 -14.05
CA VAL A 883 21.24 -26.53 -14.61
C VAL A 883 22.47 -26.66 -13.72
N VAL A 884 22.31 -26.57 -12.40
CA VAL A 884 23.43 -26.84 -11.52
C VAL A 884 24.02 -28.22 -11.81
N PHE A 885 23.16 -29.23 -11.86
CA PHE A 885 23.64 -30.56 -12.19
C PHE A 885 24.46 -30.54 -13.47
N LEU A 886 23.93 -29.90 -14.51
CA LEU A 886 24.59 -29.89 -15.82
C LEU A 886 25.92 -29.16 -15.76
N CYS A 887 25.96 -28.03 -15.05
CA CYS A 887 27.21 -27.30 -14.89
C CYS A 887 28.23 -28.16 -14.17
N LEU A 888 27.80 -28.83 -13.09
CA LEU A 888 28.69 -29.73 -12.37
C LEU A 888 29.14 -30.89 -13.25
N ALA A 889 28.26 -31.37 -14.13
CA ALA A 889 28.61 -32.50 -14.98
C ALA A 889 29.69 -32.12 -15.99
N ALA A 890 29.62 -30.90 -16.53
CA ALA A 890 30.69 -30.41 -17.38
C ALA A 890 31.98 -30.20 -16.61
N LEU A 891 31.90 -29.59 -15.42
CA LEU A 891 33.09 -29.29 -14.65
C LEU A 891 33.91 -30.55 -14.37
N TYR A 892 33.23 -31.66 -14.03
CA TYR A 892 33.86 -32.91 -13.61
C TYR A 892 33.90 -33.96 -14.71
N GLU A 893 33.34 -33.68 -15.88
CA GLU A 893 33.27 -34.67 -16.96
C GLU A 893 32.71 -35.99 -16.46
N SER A 894 31.58 -35.92 -15.75
CA SER A 894 30.95 -37.08 -15.14
C SER A 894 29.48 -36.79 -14.87
N TRP A 895 28.63 -37.81 -15.03
CA TRP A 895 27.21 -37.73 -14.73
C TRP A 895 26.90 -38.05 -13.28
N SER A 896 27.86 -38.57 -12.52
CA SER A 896 27.55 -39.07 -11.17
C SER A 896 28.14 -38.21 -10.07
N ILE A 897 29.39 -37.78 -10.23
CA ILE A 897 30.11 -36.94 -9.28
C ILE A 897 29.35 -35.66 -8.91
N PRO A 898 28.54 -35.04 -9.80
CA PRO A 898 27.74 -33.89 -9.35
C PRO A 898 26.90 -34.17 -8.11
N PHE A 899 26.44 -35.42 -7.93
CA PHE A 899 25.62 -35.75 -6.78
C PHE A 899 26.35 -35.54 -5.46
N SER A 900 27.67 -35.73 -5.43
CA SER A 900 28.43 -35.53 -4.20
C SER A 900 28.59 -34.05 -3.86
N VAL A 901 28.29 -33.15 -4.78
CA VAL A 901 28.17 -31.74 -4.43
C VAL A 901 26.74 -31.39 -4.05
N MET A 902 25.79 -31.82 -4.88
CA MET A 902 24.42 -31.38 -4.73
C MET A 902 23.82 -31.85 -3.41
N LEU A 903 24.33 -32.95 -2.86
CA LEU A 903 23.80 -33.46 -1.61
C LEU A 903 24.11 -32.56 -0.41
N VAL A 904 24.97 -31.56 -0.55
CA VAL A 904 25.22 -30.66 0.60
C VAL A 904 24.08 -29.65 0.79
N VAL A 905 23.14 -29.55 -0.15
CA VAL A 905 22.15 -28.47 -0.06
C VAL A 905 21.38 -28.49 1.25
N PRO A 906 20.86 -29.62 1.75
CA PRO A 906 20.14 -29.58 3.03
C PRO A 906 20.99 -29.22 4.22
N LEU A 907 22.33 -29.27 4.10
CA LEU A 907 23.18 -29.11 5.27
C LEU A 907 23.17 -27.66 5.78
N GLY A 908 23.16 -26.69 4.87
CA GLY A 908 22.97 -25.32 5.30
C GLY A 908 21.52 -24.95 5.60
N VAL A 909 20.58 -25.60 4.91
CA VAL A 909 19.17 -25.26 5.08
C VAL A 909 18.68 -25.60 6.48
N ILE A 910 19.16 -26.71 7.05
CA ILE A 910 18.64 -27.11 8.35
C ILE A 910 19.06 -26.11 9.44
N GLY A 911 20.27 -25.55 9.33
CA GLY A 911 20.68 -24.55 10.29
C GLY A 911 19.93 -23.25 10.14
N ALA A 912 19.61 -22.88 8.90
CA ALA A 912 18.81 -21.67 8.67
C ALA A 912 17.41 -21.85 9.26
N LEU A 913 16.77 -22.99 8.95
CA LEU A 913 15.46 -23.27 9.52
C LEU A 913 15.50 -23.31 11.04
N LEU A 914 16.56 -23.90 11.61
CA LEU A 914 16.69 -23.92 13.06
C LEU A 914 16.82 -22.51 13.61
N ALA A 915 17.64 -21.67 12.98
CA ALA A 915 17.87 -20.35 13.55
C ALA A 915 16.62 -19.49 13.44
N ALA A 916 15.87 -19.62 12.36
CA ALA A 916 14.64 -18.85 12.21
C ALA A 916 13.56 -19.36 13.15
N THR A 917 13.47 -20.68 13.32
CA THR A 917 12.47 -21.26 14.22
C THR A 917 12.72 -20.85 15.65
N PHE A 918 13.96 -21.03 16.13
CA PHE A 918 14.29 -20.63 17.50
C PHE A 918 14.00 -19.16 17.72
N ARG A 919 14.33 -18.30 16.76
CA ARG A 919 14.12 -16.87 16.98
C ARG A 919 12.69 -16.42 16.70
N GLY A 920 11.80 -17.34 16.33
CA GLY A 920 10.43 -16.98 15.98
C GLY A 920 10.30 -16.07 14.78
N LEU A 921 11.19 -16.18 13.79
CA LEU A 921 11.09 -15.43 12.56
C LEU A 921 10.31 -16.24 11.53
N THR A 922 10.15 -15.67 10.34
CA THR A 922 9.34 -16.28 9.30
C THR A 922 10.18 -16.57 8.07
N ASN A 923 9.62 -17.41 7.21
CA ASN A 923 10.12 -17.64 5.87
C ASN A 923 9.71 -16.47 4.99
N ASP A 924 10.43 -15.36 5.10
CA ASP A 924 10.19 -14.17 4.29
C ASP A 924 11.30 -14.04 3.24
N VAL A 925 11.19 -13.01 2.38
CA VAL A 925 12.08 -12.95 1.22
C VAL A 925 13.52 -12.74 1.67
N TYR A 926 13.75 -12.12 2.83
CA TYR A 926 15.13 -11.96 3.29
C TYR A 926 15.70 -13.31 3.72
N PHE A 927 14.88 -14.12 4.40
CA PHE A 927 15.26 -15.49 4.74
C PHE A 927 15.57 -16.29 3.48
N GLN A 928 14.72 -16.15 2.47
CA GLN A 928 14.88 -16.95 1.24
C GLN A 928 16.19 -16.60 0.52
N VAL A 929 16.51 -15.31 0.39
CA VAL A 929 17.75 -14.96 -0.31
C VAL A 929 18.96 -15.42 0.49
N GLY A 930 18.90 -15.29 1.82
CA GLY A 930 19.97 -15.82 2.64
C GLY A 930 20.16 -17.32 2.43
N LEU A 931 19.07 -18.06 2.32
CA LEU A 931 19.14 -19.48 2.01
C LEU A 931 19.98 -19.75 0.78
N LEU A 932 19.75 -18.98 -0.29
CA LEU A 932 20.45 -19.26 -1.54
C LEU A 932 21.94 -18.89 -1.44
N THR A 933 22.28 -17.89 -0.65
CA THR A 933 23.70 -17.56 -0.49
C THR A 933 24.39 -18.60 0.40
N THR A 934 23.68 -19.11 1.40
CA THR A 934 24.23 -20.19 2.23
C THR A 934 24.43 -21.45 1.41
N ILE A 935 23.40 -21.85 0.66
CA ILE A 935 23.52 -22.95 -0.29
C ILE A 935 24.63 -22.68 -1.29
N GLY A 936 24.76 -21.44 -1.73
CA GLY A 936 25.82 -21.10 -2.66
C GLY A 936 27.18 -21.41 -2.08
N LEU A 937 27.49 -20.83 -0.91
CA LEU A 937 28.77 -21.07 -0.25
C LEU A 937 29.00 -22.55 0.01
N SER A 938 28.02 -23.23 0.59
CA SER A 938 28.16 -24.65 0.90
C SER A 938 28.47 -25.45 -0.36
N ALA A 939 27.79 -25.17 -1.46
CA ALA A 939 28.08 -25.83 -2.72
C ALA A 939 29.48 -25.50 -3.19
N LYS A 940 29.91 -24.26 -3.00
CA LYS A 940 31.26 -23.89 -3.42
C LYS A 940 32.31 -24.68 -2.64
N ASN A 941 32.13 -24.80 -1.32
CA ASN A 941 33.03 -25.61 -0.49
C ASN A 941 33.10 -27.04 -0.97
N ALA A 942 31.95 -27.65 -1.28
CA ALA A 942 31.96 -29.04 -1.72
C ALA A 942 32.60 -29.17 -3.10
N ILE A 943 32.39 -28.17 -3.97
CA ILE A 943 32.95 -28.25 -5.31
C ILE A 943 34.47 -28.28 -5.27
N LEU A 944 35.08 -27.54 -4.34
CA LEU A 944 36.53 -27.50 -4.25
C LEU A 944 37.09 -28.75 -3.55
N ILE A 945 36.40 -29.24 -2.52
CA ILE A 945 36.77 -30.53 -1.95
C ILE A 945 36.77 -31.60 -3.03
N VAL A 946 35.65 -31.74 -3.73
CA VAL A 946 35.52 -32.79 -4.74
C VAL A 946 36.50 -32.57 -5.88
N GLU A 947 36.74 -31.31 -6.25
CA GLU A 947 37.71 -31.01 -7.30
C GLU A 947 39.12 -31.43 -6.88
N PHE A 948 39.52 -31.08 -5.64
CA PHE A 948 40.83 -31.50 -5.16
C PHE A 948 40.92 -33.03 -5.11
N ALA A 949 39.87 -33.70 -4.62
CA ALA A 949 39.92 -35.16 -4.51
C ALA A 949 40.02 -35.80 -5.89
N LYS A 950 39.18 -35.36 -6.82
CA LYS A 950 39.17 -35.95 -8.15
C LYS A 950 40.49 -35.69 -8.89
N ASP A 951 41.05 -34.50 -8.75
CA ASP A 951 42.34 -34.20 -9.40
C ASP A 951 43.45 -35.08 -8.82
N LEU A 952 43.42 -35.32 -7.50
CA LEU A 952 44.43 -36.18 -6.88
C LEU A 952 44.39 -37.59 -7.45
N MET A 953 43.18 -38.12 -7.70
CA MET A 953 43.07 -39.43 -8.34
C MET A 953 43.51 -39.35 -9.80
N ASP A 954 43.13 -38.29 -10.51
CA ASP A 954 43.29 -38.25 -11.96
C ASP A 954 44.73 -37.94 -12.37
N LYS A 955 45.32 -36.87 -11.83
CA LYS A 955 46.65 -36.47 -12.26
C LYS A 955 47.73 -36.79 -11.23
N GLU A 956 47.41 -37.48 -10.14
CA GLU A 956 48.44 -37.97 -9.23
C GLU A 956 48.29 -39.45 -8.87
N GLY A 957 47.24 -40.13 -9.34
CA GLY A 957 47.12 -41.57 -9.24
C GLY A 957 46.69 -42.13 -7.90
N LYS A 958 46.34 -41.29 -6.93
CA LYS A 958 45.97 -41.78 -5.61
C LYS A 958 44.65 -42.52 -5.64
N GLY A 959 44.51 -43.50 -4.75
CA GLY A 959 43.27 -44.23 -4.60
C GLY A 959 42.24 -43.39 -3.87
N LEU A 960 41.02 -43.93 -3.80
CA LEU A 960 39.86 -43.16 -3.38
C LEU A 960 40.03 -42.56 -1.98
N ILE A 961 40.37 -43.39 -1.00
CA ILE A 961 40.41 -42.89 0.38
C ILE A 961 41.54 -41.88 0.54
N GLU A 962 42.72 -42.18 0.01
CA GLU A 962 43.84 -41.26 0.16
C GLU A 962 43.55 -39.93 -0.52
N ALA A 963 42.94 -39.96 -1.70
CA ALA A 963 42.59 -38.71 -2.38
C ALA A 963 41.56 -37.92 -1.58
N THR A 964 40.51 -38.60 -1.12
CA THR A 964 39.46 -37.92 -0.36
C THR A 964 40.02 -37.30 0.92
N LEU A 965 40.81 -38.07 1.68
CA LEU A 965 41.33 -37.56 2.94
C LEU A 965 42.25 -36.38 2.72
N ASP A 966 43.09 -36.45 1.69
CA ASP A 966 44.02 -35.37 1.40
C ASP A 966 43.29 -34.11 0.91
N ALA A 967 42.25 -34.25 0.08
CA ALA A 967 41.48 -33.07 -0.33
C ALA A 967 40.88 -32.38 0.88
N VAL A 968 40.27 -33.16 1.75
CA VAL A 968 39.57 -32.62 2.95
C VAL A 968 40.57 -31.98 3.91
N ARG A 969 41.78 -32.54 4.00
CA ARG A 969 42.80 -31.89 4.83
C ARG A 969 43.20 -30.54 4.26
N MET A 970 43.36 -30.45 2.93
CA MET A 970 43.74 -29.18 2.31
C MET A 970 42.64 -28.14 2.39
N ARG A 971 41.38 -28.57 2.33
CA ARG A 971 40.29 -27.61 2.29
C ARG A 971 39.82 -27.16 3.67
N LEU A 972 40.22 -27.85 4.74
CA LEU A 972 39.73 -27.52 6.07
C LEU A 972 39.99 -26.06 6.42
N ARG A 973 41.23 -25.61 6.29
CA ARG A 973 41.56 -24.26 6.76
C ARG A 973 40.81 -23.17 6.00
N PRO A 974 40.80 -23.12 4.66
CA PRO A 974 40.06 -22.02 4.02
C PRO A 974 38.58 -22.07 4.31
N ILE A 975 37.99 -23.26 4.40
CA ILE A 975 36.58 -23.40 4.77
C ILE A 975 36.32 -22.77 6.13
N LEU A 976 37.19 -23.02 7.11
CA LEU A 976 36.99 -22.44 8.44
C LEU A 976 37.27 -20.95 8.44
N MET A 977 38.20 -20.49 7.61
CA MET A 977 38.51 -19.07 7.59
C MET A 977 37.32 -18.26 7.07
N THR A 978 36.78 -18.65 5.90
CA THR A 978 35.61 -17.99 5.34
C THR A 978 34.43 -18.02 6.31
N SER A 979 34.21 -19.18 6.94
CA SER A 979 33.03 -19.33 7.77
C SER A 979 33.15 -18.54 9.05
N LEU A 980 34.36 -18.44 9.62
CA LEU A 980 34.53 -17.66 10.84
C LEU A 980 34.36 -16.18 10.55
N ALA A 981 34.94 -15.70 9.44
CA ALA A 981 34.81 -14.29 9.06
C ALA A 981 33.36 -13.94 8.76
N PHE A 982 32.67 -14.79 7.99
CA PHE A 982 31.30 -14.47 7.59
C PHE A 982 30.34 -14.56 8.76
N ILE A 983 30.43 -15.61 9.58
CA ILE A 983 29.56 -15.72 10.75
C ILE A 983 29.74 -14.51 11.66
N LEU A 984 30.99 -14.10 11.90
CA LEU A 984 31.23 -12.89 12.68
C LEU A 984 30.68 -11.66 11.96
N GLY A 985 30.93 -11.55 10.65
CA GLY A 985 30.49 -10.37 9.91
C GLY A 985 28.98 -10.16 9.94
N VAL A 986 28.22 -11.23 10.13
CA VAL A 986 26.76 -11.21 10.12
C VAL A 986 26.17 -11.10 11.54
N MET A 987 26.98 -11.28 12.60
CA MET A 987 26.49 -11.16 13.96
C MET A 987 25.82 -9.82 14.25
N PRO A 988 26.38 -8.67 13.86
CA PRO A 988 25.66 -7.40 14.12
C PRO A 988 24.24 -7.39 13.54
N LEU A 989 24.02 -8.08 12.41
CA LEU A 989 22.68 -8.12 11.82
C LEU A 989 21.71 -8.91 12.69
N VAL A 990 22.17 -9.98 13.33
CA VAL A 990 21.29 -10.83 14.14
C VAL A 990 20.82 -10.08 15.39
N ILE A 991 21.72 -9.33 16.06
CA ILE A 991 21.39 -8.63 17.30
C ILE A 991 20.94 -7.19 17.07
N SER A 992 20.90 -6.73 15.82
CA SER A 992 20.45 -5.38 15.50
C SER A 992 19.05 -5.12 16.06
N THR A 993 18.92 -3.98 16.74
CA THR A 993 17.64 -3.40 17.09
C THR A 993 17.63 -1.98 16.55
N GLY A 994 16.44 -1.47 16.25
CA GLY A 994 16.30 -0.11 15.80
C GLY A 994 16.01 0.01 14.32
N ALA A 995 16.38 1.16 13.76
CA ALA A 995 16.05 1.53 12.41
C ALA A 995 16.52 0.47 11.42
N GLY A 996 15.57 -0.16 10.74
CA GLY A 996 15.87 -1.16 9.74
C GLY A 996 16.19 -2.54 10.27
N SER A 997 16.17 -2.73 11.60
CA SER A 997 16.58 -4.00 12.17
C SER A 997 15.67 -5.16 11.78
N GLY A 998 14.44 -4.88 11.33
CA GLY A 998 13.60 -5.96 10.84
C GLY A 998 14.21 -6.65 9.62
N ALA A 999 14.76 -5.86 8.71
CA ALA A 999 15.41 -6.46 7.55
C ALA A 999 16.71 -7.15 7.95
N GLN A 1000 17.55 -6.45 8.72
CA GLN A 1000 18.85 -6.99 9.11
C GLN A 1000 18.71 -8.28 9.91
N ASN A 1001 17.80 -8.31 10.90
CA ASN A 1001 17.52 -9.56 11.62
C ASN A 1001 17.19 -10.67 10.64
N ALA A 1002 16.38 -10.37 9.63
CA ALA A 1002 15.91 -11.41 8.72
C ALA A 1002 17.05 -11.96 7.86
N VAL A 1003 17.91 -11.09 7.33
CA VAL A 1003 19.02 -11.62 6.55
C VAL A 1003 20.04 -12.29 7.48
N GLY A 1004 20.13 -11.85 8.73
CA GLY A 1004 21.24 -12.24 9.58
C GLY A 1004 21.08 -13.63 10.15
N THR A 1005 19.89 -13.95 10.68
CA THR A 1005 19.79 -15.14 11.51
C THR A 1005 19.67 -16.41 10.69
N GLY A 1006 18.99 -16.38 9.54
CA GLY A 1006 19.00 -17.55 8.68
C GLY A 1006 20.37 -17.82 8.08
N VAL A 1007 21.11 -16.77 7.77
CA VAL A 1007 22.46 -16.93 7.23
C VAL A 1007 23.41 -17.45 8.30
N MET A 1008 23.35 -16.90 9.51
CA MET A 1008 24.23 -17.36 10.57
C MET A 1008 23.92 -18.79 10.96
N GLY A 1009 22.64 -19.14 11.09
CA GLY A 1009 22.29 -20.51 11.36
C GLY A 1009 22.69 -21.45 10.23
N GLY A 1010 22.44 -21.03 8.99
CA GLY A 1010 22.84 -21.85 7.85
C GLY A 1010 24.34 -22.04 7.76
N MET A 1011 25.10 -20.96 8.01
CA MET A 1011 26.56 -21.06 7.93
C MET A 1011 27.10 -22.04 8.97
N VAL A 1012 26.57 -22.00 10.20
CA VAL A 1012 27.06 -22.89 11.26
C VAL A 1012 26.91 -24.35 10.83
N THR A 1013 25.68 -24.79 10.56
CA THR A 1013 25.51 -26.21 10.23
C THR A 1013 26.12 -26.58 8.89
N ALA A 1014 26.11 -25.67 7.90
CA ALA A 1014 26.74 -26.00 6.63
C ALA A 1014 28.20 -26.39 6.83
N THR A 1015 28.96 -25.55 7.55
CA THR A 1015 30.39 -25.84 7.69
C THR A 1015 30.65 -27.04 8.57
N VAL A 1016 30.06 -27.06 9.76
CA VAL A 1016 30.25 -28.18 10.68
C VAL A 1016 29.84 -29.49 10.02
N LEU A 1017 28.73 -29.49 9.28
CA LEU A 1017 28.25 -30.75 8.71
C LEU A 1017 28.96 -31.09 7.40
N ALA A 1018 29.27 -30.08 6.56
CA ALA A 1018 29.78 -30.42 5.24
C ALA A 1018 31.20 -30.98 5.31
N ILE A 1019 32.03 -30.53 6.25
CA ILE A 1019 33.41 -31.01 6.29
C ILE A 1019 33.49 -32.50 6.66
N PHE A 1020 32.42 -33.07 7.20
CA PHE A 1020 32.33 -34.51 7.41
C PHE A 1020 31.48 -35.20 6.37
N PHE A 1021 30.48 -34.50 5.80
CA PHE A 1021 29.54 -35.19 4.95
C PHE A 1021 29.95 -35.24 3.49
N VAL A 1022 30.60 -34.21 2.93
CA VAL A 1022 30.85 -34.31 1.49
C VAL A 1022 31.93 -35.35 1.21
N PRO A 1023 32.94 -35.57 2.08
CA PRO A 1023 33.77 -36.78 1.90
C PRO A 1023 32.94 -38.06 1.81
N VAL A 1024 31.89 -38.20 2.64
CA VAL A 1024 31.02 -39.37 2.54
C VAL A 1024 30.32 -39.41 1.19
N PHE A 1025 29.68 -38.29 0.81
CA PHE A 1025 29.07 -38.20 -0.51
C PHE A 1025 30.06 -38.62 -1.60
N PHE A 1026 31.26 -38.04 -1.62
CA PHE A 1026 32.21 -38.37 -2.67
C PHE A 1026 32.56 -39.85 -2.66
N VAL A 1027 32.80 -40.43 -1.48
CA VAL A 1027 33.21 -41.83 -1.43
C VAL A 1027 32.06 -42.75 -1.85
N VAL A 1028 30.86 -42.53 -1.32
CA VAL A 1028 29.78 -43.45 -1.70
C VAL A 1028 29.40 -43.25 -3.17
N VAL A 1029 29.41 -42.01 -3.67
CA VAL A 1029 29.03 -41.81 -5.06
C VAL A 1029 30.08 -42.41 -5.99
N ARG A 1030 31.37 -42.23 -5.66
CA ARG A 1030 32.42 -42.81 -6.47
C ARG A 1030 32.37 -44.34 -6.42
N ARG A 1031 32.01 -44.90 -5.28
CA ARG A 1031 31.96 -46.36 -5.16
C ARG A 1031 30.75 -46.93 -5.89
N ARG A 1032 29.64 -46.20 -5.90
CA ARG A 1032 28.41 -46.72 -6.50
C ARG A 1032 28.40 -46.63 -8.02
N PHE A 1033 29.08 -45.61 -8.54
CA PHE A 1033 29.14 -45.39 -10.00
C PHE A 1033 30.60 -45.55 -10.40
N SER A 1034 30.97 -46.73 -10.89
CA SER A 1034 32.40 -47.02 -11.18
C SER A 1034 32.50 -48.35 -11.94
N ARG A 1035 33.70 -48.81 -12.25
CA ARG A 1035 33.87 -50.10 -12.97
C ARG A 1035 35.17 -50.75 -12.47
N LYS A 1036 36.31 -50.36 -13.03
CA LYS A 1036 37.61 -51.00 -12.69
C LYS A 1036 38.19 -50.45 -11.39
N ASN A 1037 39.47 -50.72 -11.12
CA ASN A 1037 40.09 -50.39 -9.81
C ASN A 1037 40.24 -48.90 -9.54
N GLU A 1038 39.64 -48.42 -8.46
CA GLU A 1038 39.88 -47.03 -8.07
C GLU A 1038 40.07 -46.85 -6.58
N ASP A 1039 39.86 -47.92 -5.79
CA ASP A 1039 40.25 -47.85 -4.38
C ASP A 1039 41.78 -47.83 -4.23
N ILE A 1040 42.50 -48.38 -5.20
CA ILE A 1040 43.94 -48.56 -5.10
C ILE A 1040 44.63 -47.54 -6.01
N GLU A 1041 45.79 -47.06 -5.56
CA GLU A 1041 46.60 -46.14 -6.36
C GLU A 1041 47.05 -46.78 -7.68
N HIS A 1042 47.24 -45.95 -8.70
CA HIS A 1042 47.70 -46.40 -10.02
C HIS A 1042 48.69 -45.37 -10.58
N SER A 1043 49.26 -45.66 -11.74
CA SER A 1043 50.38 -44.89 -12.29
C SER A 1043 49.95 -43.57 -12.91
N GLY B 11 -30.03 9.55 22.82
CA GLY B 11 -29.85 8.14 23.19
C GLY B 11 -28.99 7.92 24.42
N SER B 12 -28.47 6.70 24.56
CA SER B 12 -27.61 6.31 25.68
C SER B 12 -27.17 4.85 25.49
N ASP B 13 -26.25 4.41 26.35
CA ASP B 13 -25.62 3.07 26.28
C ASP B 13 -26.30 1.96 25.50
N LEU B 14 -27.34 1.35 25.99
CA LEU B 14 -27.77 0.06 25.47
C LEU B 14 -28.78 0.43 24.39
N GLY B 15 -29.26 1.68 24.36
CA GLY B 15 -30.12 2.11 23.27
C GLY B 15 -29.45 1.94 21.91
N LYS B 16 -28.19 2.38 21.80
CA LYS B 16 -27.52 2.32 20.50
C LYS B 16 -27.31 0.87 20.06
N LYS B 17 -26.96 -0.04 20.97
CA LYS B 17 -26.73 -1.42 20.55
C LYS B 17 -28.02 -2.09 20.06
N LEU B 18 -29.16 -1.72 20.63
CA LEU B 18 -30.43 -2.27 20.19
C LEU B 18 -30.77 -1.81 18.78
N LEU B 19 -30.56 -0.52 18.49
CA LEU B 19 -30.82 0.02 17.16
C LEU B 19 -30.04 -0.74 16.09
N GLU B 20 -28.73 -0.87 16.29
CA GLU B 20 -27.91 -1.61 15.32
C GLU B 20 -28.27 -3.08 15.29
N ALA B 21 -28.69 -3.64 16.43
CA ALA B 21 -29.14 -5.03 16.45
C ALA B 21 -30.40 -5.23 15.60
N ALA B 22 -31.37 -4.30 15.73
CA ALA B 22 -32.61 -4.45 14.98
C ALA B 22 -32.37 -4.25 13.49
N ARG B 23 -31.46 -3.34 13.14
CA ARG B 23 -31.16 -3.12 11.73
C ARG B 23 -30.49 -4.34 11.11
N ALA B 24 -29.49 -4.90 11.81
CA ALA B 24 -28.76 -6.07 11.30
C ALA B 24 -29.59 -7.35 11.31
N GLY B 25 -30.69 -7.41 12.05
CA GLY B 25 -31.47 -8.63 12.07
C GLY B 25 -30.96 -9.68 13.03
N ARG B 26 -30.34 -9.27 14.13
CA ARG B 26 -29.73 -10.18 15.10
C ARG B 26 -30.74 -10.42 16.22
N ASP B 27 -31.53 -11.50 16.08
CA ASP B 27 -32.68 -11.72 16.95
C ASP B 27 -32.24 -12.05 18.38
N ASP B 28 -31.37 -13.04 18.54
CA ASP B 28 -30.92 -13.42 19.88
C ASP B 28 -30.37 -12.20 20.63
N GLU B 29 -29.62 -11.36 19.93
CA GLU B 29 -29.06 -10.18 20.59
C GLU B 29 -30.13 -9.15 20.92
N VAL B 30 -31.13 -8.99 20.06
CA VAL B 30 -32.27 -8.15 20.42
C VAL B 30 -32.89 -8.64 21.72
N ARG B 31 -33.17 -9.95 21.80
CA ARG B 31 -33.73 -10.54 23.01
C ARG B 31 -32.83 -10.31 24.22
N ILE B 32 -31.51 -10.45 24.05
CA ILE B 32 -30.59 -10.25 25.16
C ILE B 32 -30.62 -8.80 25.63
N LEU B 33 -30.63 -7.86 24.69
CA LEU B 33 -30.65 -6.44 25.06
C LEU B 33 -31.96 -6.06 25.71
N MET B 34 -33.07 -6.66 25.26
CA MET B 34 -34.33 -6.54 25.98
C MET B 34 -34.15 -6.95 27.43
N ALA B 35 -33.67 -8.18 27.65
CA ALA B 35 -33.52 -8.73 29.00
C ALA B 35 -32.67 -7.82 29.89
N ASN B 36 -31.76 -7.06 29.31
CA ASN B 36 -30.87 -6.18 30.07
C ASN B 36 -31.45 -4.78 30.28
N GLY B 37 -32.71 -4.55 29.90
CA GLY B 37 -33.35 -3.27 30.13
C GLY B 37 -33.16 -2.23 29.06
N ALA B 38 -32.83 -2.63 27.83
CA ALA B 38 -32.68 -1.67 26.74
C ALA B 38 -34.03 -1.03 26.39
N ASP B 39 -33.98 0.27 26.07
CA ASP B 39 -35.17 1.02 25.69
C ASP B 39 -35.69 0.52 24.35
N VAL B 40 -36.90 -0.06 24.33
CA VAL B 40 -37.49 -0.51 23.06
C VAL B 40 -37.69 0.67 22.12
N ASN B 41 -37.92 1.86 22.68
CA ASN B 41 -38.24 3.06 21.91
C ASN B 41 -37.06 4.01 21.78
N ALA B 42 -35.83 3.49 21.82
CA ALA B 42 -34.66 4.32 21.57
C ALA B 42 -34.62 4.72 20.11
N ALA B 43 -34.45 6.01 19.84
CA ALA B 43 -34.47 6.55 18.49
C ALA B 43 -33.13 7.20 18.16
N ASP B 44 -32.71 7.05 16.89
CA ASP B 44 -31.50 7.68 16.38
C ASP B 44 -31.79 9.13 16.00
N VAL B 45 -30.88 9.78 15.27
CA VAL B 45 -30.98 11.20 14.93
C VAL B 45 -32.21 11.50 14.06
N VAL B 46 -32.60 10.57 13.20
CA VAL B 46 -33.74 10.86 12.32
C VAL B 46 -35.03 10.35 12.92
N GLY B 47 -35.00 9.84 14.15
CA GLY B 47 -36.20 9.44 14.85
C GLY B 47 -36.65 8.04 14.58
N TRP B 48 -35.78 7.21 14.02
CA TRP B 48 -36.12 5.83 13.78
C TRP B 48 -35.89 5.02 15.05
N THR B 49 -36.89 4.28 15.45
CA THR B 49 -36.83 3.32 16.55
C THR B 49 -36.33 1.98 16.03
N PRO B 50 -36.05 1.01 16.91
CA PRO B 50 -35.80 -0.35 16.40
C PRO B 50 -36.93 -0.88 15.52
N LEU B 51 -38.17 -0.50 15.83
CA LEU B 51 -39.30 -0.97 15.04
C LEU B 51 -39.26 -0.39 13.63
N HIS B 52 -38.97 0.91 13.51
CA HIS B 52 -38.67 1.49 12.20
C HIS B 52 -37.63 0.65 11.46
N LEU B 53 -36.47 0.45 12.09
CA LEU B 53 -35.37 -0.27 11.44
C LEU B 53 -35.79 -1.68 11.01
N ALA B 54 -36.45 -2.42 11.89
CA ALA B 54 -36.85 -3.78 11.55
C ALA B 54 -37.96 -3.81 10.51
N ALA B 55 -38.85 -2.83 10.52
CA ALA B 55 -39.84 -2.75 9.44
C ALA B 55 -39.17 -2.43 8.11
N TYR B 56 -38.23 -1.48 8.12
CA TYR B 56 -37.56 -1.11 6.87
C TYR B 56 -36.81 -2.31 6.29
N TRP B 57 -36.02 -3.00 7.11
CA TRP B 57 -35.20 -4.09 6.60
C TRP B 57 -35.95 -5.40 6.52
N GLY B 58 -37.18 -5.46 7.01
CA GLY B 58 -37.99 -6.65 6.84
C GLY B 58 -37.74 -7.78 7.82
N HIS B 59 -37.26 -7.45 9.02
CA HIS B 59 -36.94 -8.46 10.04
C HIS B 59 -38.19 -8.77 10.86
N LEU B 60 -39.01 -9.69 10.34
CA LEU B 60 -40.31 -9.98 10.95
C LEU B 60 -40.18 -10.40 12.41
N GLU B 61 -39.28 -11.35 12.71
CA GLU B 61 -39.17 -11.85 14.08
C GLU B 61 -38.78 -10.72 15.04
N ILE B 62 -37.85 -9.84 14.63
CA ILE B 62 -37.47 -8.74 15.51
C ILE B 62 -38.65 -7.82 15.76
N VAL B 63 -39.49 -7.61 14.74
CA VAL B 63 -40.70 -6.79 14.90
C VAL B 63 -41.59 -7.38 15.98
N GLU B 64 -41.83 -8.70 15.92
CA GLU B 64 -42.64 -9.36 16.95
C GLU B 64 -42.01 -9.19 18.32
N VAL B 65 -40.73 -9.53 18.44
CA VAL B 65 -40.05 -9.44 19.74
C VAL B 65 -40.12 -8.03 20.30
N LEU B 66 -39.96 -7.01 19.44
CA LEU B 66 -40.03 -5.63 19.90
C LEU B 66 -41.43 -5.28 20.39
N LEU B 67 -42.45 -5.74 19.67
CA LEU B 67 -43.82 -5.42 20.08
C LEU B 67 -44.21 -6.17 21.34
N LYS B 68 -43.87 -7.46 21.41
CA LYS B 68 -44.07 -8.22 22.65
C LYS B 68 -43.49 -7.51 23.85
N ASN B 69 -42.43 -6.75 23.67
CA ASN B 69 -41.74 -6.05 24.76
C ASN B 69 -42.16 -4.58 24.86
N GLY B 70 -43.31 -4.23 24.30
CA GLY B 70 -43.85 -2.90 24.54
C GLY B 70 -43.30 -1.80 23.68
N ALA B 71 -42.87 -2.11 22.46
CA ALA B 71 -42.43 -1.06 21.55
C ALA B 71 -43.63 -0.23 21.08
N ASP B 72 -43.46 1.09 21.05
CA ASP B 72 -44.45 2.01 20.51
C ASP B 72 -44.68 1.47 19.10
N VAL B 73 -45.93 1.14 18.78
CA VAL B 73 -46.22 0.56 17.46
C VAL B 73 -46.41 1.76 16.54
N ASN B 74 -46.63 2.96 17.09
CA ASN B 74 -46.93 4.16 16.32
C ASN B 74 -45.85 5.22 16.47
N ALA B 75 -44.61 4.81 16.67
CA ALA B 75 -43.53 5.77 16.74
C ALA B 75 -43.40 6.49 15.40
N TYR B 76 -43.15 7.78 15.43
CA TYR B 76 -42.98 8.50 14.17
C TYR B 76 -41.60 9.14 14.15
N ASP B 77 -41.00 9.18 12.96
CA ASP B 77 -39.69 9.80 12.79
C ASP B 77 -39.86 11.32 12.70
N THR B 78 -38.75 12.02 12.46
CA THR B 78 -38.79 13.47 12.48
C THR B 78 -39.53 14.04 11.30
N LEU B 79 -39.92 13.22 10.33
CA LEU B 79 -40.75 13.66 9.22
C LEU B 79 -42.13 13.02 9.27
N GLY B 80 -42.48 12.40 10.41
CA GLY B 80 -43.81 11.92 10.67
C GLY B 80 -44.09 10.53 10.20
N SER B 81 -43.11 9.79 9.72
CA SER B 81 -43.37 8.47 9.19
C SER B 81 -43.22 7.40 10.28
N THR B 82 -44.12 6.42 10.25
CA THR B 82 -44.26 5.33 11.22
C THR B 82 -43.74 4.01 10.64
N PRO B 83 -43.48 3.01 11.49
CA PRO B 83 -43.04 1.71 10.96
C PRO B 83 -44.02 1.11 9.96
N LEU B 84 -45.32 1.37 10.11
CA LEU B 84 -46.28 0.87 9.12
C LEU B 84 -46.03 1.46 7.74
N HIS B 85 -45.69 2.76 7.66
CA HIS B 85 -45.33 3.36 6.37
C HIS B 85 -44.21 2.56 5.71
N LEU B 86 -43.16 2.28 6.48
CA LEU B 86 -42.00 1.59 5.92
C LEU B 86 -42.37 0.20 5.45
N ALA B 87 -43.05 -0.57 6.29
CA ALA B 87 -43.41 -1.93 5.92
C ALA B 87 -44.34 -1.95 4.72
N ALA B 88 -45.31 -1.03 4.68
CA ALA B 88 -46.22 -0.99 3.54
C ALA B 88 -45.51 -0.54 2.28
N HIS B 89 -44.55 0.39 2.41
CA HIS B 89 -43.86 0.91 1.23
C HIS B 89 -42.98 -0.15 0.59
N PHE B 90 -42.32 -0.98 1.40
CA PHE B 90 -41.33 -1.90 0.86
C PHE B 90 -41.82 -3.34 0.89
N GLY B 91 -43.14 -3.54 0.84
CA GLY B 91 -43.70 -4.83 0.49
C GLY B 91 -43.67 -5.90 1.56
N HIS B 92 -43.43 -5.56 2.82
CA HIS B 92 -43.29 -6.56 3.88
C HIS B 92 -44.67 -6.88 4.46
N LEU B 93 -45.38 -7.77 3.77
CA LEU B 93 -46.80 -7.99 4.05
C LEU B 93 -47.02 -8.53 5.45
N GLU B 94 -46.28 -9.59 5.81
CA GLU B 94 -46.41 -10.18 7.13
C GLU B 94 -46.15 -9.17 8.24
N ILE B 95 -45.21 -8.24 8.03
CA ILE B 95 -44.93 -7.23 9.05
C ILE B 95 -46.07 -6.22 9.13
N VAL B 96 -46.67 -5.88 7.97
CA VAL B 96 -47.84 -5.00 7.97
C VAL B 96 -48.97 -5.61 8.80
N GLU B 97 -49.21 -6.93 8.67
CA GLU B 97 -50.25 -7.59 9.45
C GLU B 97 -49.91 -7.58 10.94
N VAL B 98 -48.67 -7.91 11.30
CA VAL B 98 -48.27 -7.89 12.71
C VAL B 98 -48.46 -6.50 13.29
N LEU B 99 -48.04 -5.47 12.55
CA LEU B 99 -48.16 -4.11 13.07
C LEU B 99 -49.62 -3.74 13.27
N LEU B 100 -50.47 -4.05 12.30
CA LEU B 100 -51.89 -3.72 12.42
C LEU B 100 -52.53 -4.49 13.57
N LYS B 101 -52.23 -5.78 13.68
CA LYS B 101 -52.73 -6.59 14.79
C LYS B 101 -52.39 -5.97 16.14
N ASN B 102 -51.25 -5.30 16.24
CA ASN B 102 -50.81 -4.71 17.49
C ASN B 102 -51.20 -3.25 17.63
N GLY B 103 -52.18 -2.79 16.85
CA GLY B 103 -52.71 -1.45 17.03
C GLY B 103 -52.09 -0.34 16.19
N ALA B 104 -51.37 -0.67 15.12
CA ALA B 104 -50.79 0.37 14.28
C ALA B 104 -51.88 1.21 13.63
N ASP B 105 -51.74 2.53 13.77
CA ASP B 105 -52.68 3.50 13.15
C ASP B 105 -52.65 3.33 11.63
N VAL B 106 -53.70 2.73 11.11
CA VAL B 106 -53.77 2.44 9.68
C VAL B 106 -53.84 3.71 8.83
N ASN B 107 -54.24 4.84 9.41
CA ASN B 107 -54.43 6.11 8.71
C ASN B 107 -53.40 7.15 9.10
N ALA B 108 -52.30 6.73 9.70
CA ALA B 108 -51.26 7.69 10.09
C ALA B 108 -50.76 8.43 8.84
N LYS B 109 -50.54 9.73 9.01
CA LYS B 109 -50.05 10.59 7.93
C LYS B 109 -48.70 11.15 8.33
N ASP B 110 -47.77 11.22 7.38
CA ASP B 110 -46.48 11.84 7.65
C ASP B 110 -46.63 13.34 7.39
N ASP B 111 -45.53 14.11 7.47
CA ASP B 111 -45.58 15.56 7.29
C ASP B 111 -46.09 15.98 5.91
N ASN B 112 -46.13 15.04 4.95
CA ASN B 112 -46.58 15.28 3.58
C ASN B 112 -48.01 14.81 3.37
N GLY B 113 -48.69 14.38 4.42
CA GLY B 113 -50.02 13.84 4.27
C GLY B 113 -50.06 12.45 3.70
N ILE B 114 -48.90 11.76 3.65
CA ILE B 114 -48.80 10.47 2.98
C ILE B 114 -49.11 9.36 4.00
N THR B 115 -49.94 8.42 3.59
CA THR B 115 -50.44 7.33 4.41
C THR B 115 -49.80 6.01 3.96
N PRO B 116 -49.78 4.99 4.82
CA PRO B 116 -49.37 3.65 4.37
C PRO B 116 -50.07 3.18 3.10
N LEU B 117 -51.35 3.54 2.90
CA LEU B 117 -52.05 3.15 1.66
C LEU B 117 -51.43 3.80 0.43
N HIS B 118 -51.12 5.10 0.48
CA HIS B 118 -50.40 5.73 -0.63
C HIS B 118 -49.13 4.98 -0.94
N LEU B 119 -48.33 4.67 0.08
CA LEU B 119 -47.04 4.04 -0.15
C LEU B 119 -47.22 2.66 -0.75
N ALA B 120 -48.07 1.84 -0.13
CA ALA B 120 -48.30 0.50 -0.68
C ALA B 120 -48.83 0.59 -2.09
N ALA B 121 -49.71 1.56 -2.37
CA ALA B 121 -50.23 1.71 -3.72
C ALA B 121 -49.15 2.14 -4.69
N ASN B 122 -48.28 3.06 -4.28
CA ASN B 122 -47.30 3.60 -5.20
C ASN B 122 -46.35 2.52 -5.71
N ARG B 123 -46.02 1.52 -4.89
CA ARG B 123 -45.17 0.44 -5.33
C ARG B 123 -45.96 -0.79 -5.78
N GLY B 124 -47.30 -0.74 -5.74
CA GLY B 124 -48.09 -1.79 -6.34
C GLY B 124 -48.29 -3.02 -5.49
N HIS B 125 -48.10 -2.92 -4.17
CA HIS B 125 -48.21 -4.08 -3.29
C HIS B 125 -49.70 -4.38 -3.04
N LEU B 126 -50.29 -5.13 -3.98
CA LEU B 126 -51.74 -5.34 -3.99
C LEU B 126 -52.22 -5.98 -2.68
N GLU B 127 -51.49 -6.98 -2.18
CA GLU B 127 -51.95 -7.69 -1.00
C GLU B 127 -51.91 -6.80 0.24
N ILE B 128 -50.84 -6.01 0.37
CA ILE B 128 -50.77 -5.02 1.46
C ILE B 128 -51.94 -4.06 1.38
N VAL B 129 -52.29 -3.61 0.17
CA VAL B 129 -53.38 -2.66 0.04
C VAL B 129 -54.68 -3.25 0.57
N GLU B 130 -54.91 -4.54 0.32
CA GLU B 130 -56.13 -5.18 0.80
C GLU B 130 -56.14 -5.30 2.32
N VAL B 131 -55.00 -5.69 2.91
CA VAL B 131 -54.90 -5.74 4.37
C VAL B 131 -55.21 -4.38 4.98
N LEU B 132 -54.57 -3.32 4.47
CA LEU B 132 -54.78 -2.00 5.02
C LEU B 132 -56.24 -1.59 4.91
N LEU B 133 -56.87 -1.89 3.77
CA LEU B 133 -58.28 -1.58 3.61
C LEU B 133 -59.12 -2.35 4.64
N LYS B 134 -58.82 -3.64 4.80
CA LYS B 134 -59.51 -4.48 5.77
C LYS B 134 -59.44 -3.90 7.17
N TYR B 135 -58.35 -3.20 7.49
CA TYR B 135 -58.19 -2.63 8.81
C TYR B 135 -58.66 -1.20 8.91
N GLY B 136 -59.35 -0.69 7.89
CA GLY B 136 -59.96 0.61 7.99
C GLY B 136 -59.20 1.75 7.35
N ALA B 137 -58.37 1.48 6.35
CA ALA B 137 -57.66 2.56 5.69
C ALA B 137 -58.67 3.45 4.99
N ASP B 138 -58.55 4.77 5.21
CA ASP B 138 -59.37 5.70 4.47
C ASP B 138 -58.91 5.74 3.01
N VAL B 139 -59.75 5.22 2.11
CA VAL B 139 -59.41 5.14 0.71
C VAL B 139 -59.39 6.52 0.05
N ASN B 140 -60.10 7.50 0.61
CA ASN B 140 -60.13 8.84 0.05
C ASN B 140 -59.12 9.79 0.68
N ALA B 141 -58.24 9.29 1.57
CA ALA B 141 -57.24 10.14 2.19
C ALA B 141 -56.37 10.80 1.12
N GLN B 142 -56.01 12.06 1.36
CA GLN B 142 -55.30 12.87 0.38
C GLN B 142 -53.98 13.33 0.97
N ASP B 143 -52.92 13.22 0.20
CA ASP B 143 -51.66 13.83 0.62
C ASP B 143 -51.72 15.33 0.36
N LYS B 144 -50.60 16.02 0.63
CA LYS B 144 -50.58 17.47 0.52
C LYS B 144 -50.85 17.97 -0.90
N PHE B 145 -50.76 17.12 -1.90
CA PHE B 145 -51.06 17.56 -3.26
C PHE B 145 -52.48 17.15 -3.71
N GLY B 146 -53.30 16.64 -2.80
CA GLY B 146 -54.67 16.28 -3.13
C GLY B 146 -54.85 14.93 -3.74
N LYS B 147 -53.83 14.06 -3.72
CA LYS B 147 -53.84 12.80 -4.43
C LYS B 147 -54.23 11.66 -3.50
N THR B 148 -55.03 10.73 -4.03
CA THR B 148 -55.43 9.51 -3.33
C THR B 148 -54.67 8.31 -3.89
N ALA B 149 -54.81 7.19 -3.18
CA ALA B 149 -54.29 5.93 -3.69
C ALA B 149 -54.85 5.59 -5.06
N PHE B 150 -56.08 5.98 -5.36
CA PHE B 150 -56.63 5.77 -6.69
C PHE B 150 -55.88 6.60 -7.73
N ASP B 151 -55.78 7.92 -7.50
CA ASP B 151 -54.96 8.77 -8.35
C ASP B 151 -53.60 8.15 -8.59
N ILE B 152 -52.97 7.64 -7.53
CA ILE B 152 -51.68 6.98 -7.70
C ILE B 152 -51.81 5.79 -8.63
N SER B 153 -52.87 5.00 -8.46
CA SER B 153 -52.99 3.79 -9.26
C SER B 153 -53.09 4.16 -10.74
N ILE B 154 -53.96 5.11 -11.09
CA ILE B 154 -54.11 5.37 -12.52
C ILE B 154 -52.87 6.10 -13.06
N ASN B 155 -52.19 6.92 -12.25
CA ASN B 155 -50.93 7.50 -12.73
C ASN B 155 -49.92 6.40 -13.02
N ASN B 156 -49.88 5.38 -12.19
CA ASN B 156 -48.98 4.27 -12.45
C ASN B 156 -49.50 3.32 -13.53
N GLY B 157 -50.72 3.53 -14.02
CA GLY B 157 -51.29 2.59 -14.95
C GLY B 157 -51.53 1.22 -14.36
N ASN B 158 -51.60 1.11 -13.05
CA ASN B 158 -51.87 -0.16 -12.38
C ASN B 158 -53.37 -0.41 -12.40
N GLU B 159 -53.81 -1.23 -13.34
CA GLU B 159 -55.25 -1.45 -13.55
C GLU B 159 -55.85 -2.32 -12.47
N ASP B 160 -55.13 -3.35 -12.03
CA ASP B 160 -55.60 -4.19 -10.93
C ASP B 160 -55.84 -3.36 -9.67
N LEU B 161 -54.81 -2.64 -9.23
CA LEU B 161 -54.94 -1.73 -8.09
C LEU B 161 -56.10 -0.76 -8.29
N ALA B 162 -56.15 -0.10 -9.44
CA ALA B 162 -57.20 0.88 -9.72
C ALA B 162 -58.59 0.29 -9.48
N GLU B 163 -58.77 -0.98 -9.83
CA GLU B 163 -60.02 -1.66 -9.57
C GLU B 163 -60.30 -1.73 -8.07
N ILE B 164 -59.46 -2.45 -7.33
CA ILE B 164 -59.60 -2.66 -5.90
C ILE B 164 -59.93 -1.38 -5.15
N LEU B 165 -59.32 -0.27 -5.55
CA LEU B 165 -59.56 1.01 -4.90
C LEU B 165 -60.80 1.71 -5.46
N GLN B 166 -61.81 0.92 -5.80
CA GLN B 166 -63.07 1.46 -6.37
C GLN B 166 -62.81 2.57 -7.40
O8 MIY C . -13.28 19.37 -5.41
C21 MIY C . -12.44 18.61 -5.01
N2 MIY C . -12.71 17.15 -4.94
C2 MIY C . -11.13 19.12 -4.53
C1 MIY C . -10.82 19.14 -3.16
O1 MIY C . -11.41 18.46 -2.31
C3 MIY C . -10.17 19.61 -5.40
O2 MIY C . -10.49 20.13 -6.60
C4 MIY C . -8.69 19.58 -5.04
N1 MIY C . -7.89 20.59 -5.78
C20 MIY C . -6.46 20.29 -5.78
C19 MIY C . -8.11 21.99 -5.43
C5 MIY C . -8.42 19.66 -3.52
C18 MIY C . -9.65 20.06 -2.73
O7 MIY C . -9.98 21.42 -2.99
C17 MIY C . -9.43 19.98 -1.23
O6 MIY C . -10.28 20.72 -0.47
C16 MIY C . -8.47 19.23 -0.65
C7 MIY C . -7.51 18.42 -1.49
C6 MIY C . -7.91 18.34 -2.97
C15 MIY C . -8.33 19.18 0.79
O5 MIY C . -9.03 19.93 1.55
C14 MIY C . -7.38 18.23 1.33
C9 MIY C . -6.95 17.16 0.56
C8 MIY C . -7.45 17.04 -0.84
C13 MIY C . -6.88 18.38 2.65
O4 MIY C . -7.31 19.44 3.40
C12 MIY C . -5.98 17.46 3.15
C11 MIY C . -5.56 16.40 2.37
C10 MIY C . -6.01 16.25 1.08
N7 MIY C . -5.60 15.17 0.29
CN7 MIY C . -5.68 13.83 0.86
C71 MIY C . -4.50 15.33 -0.65
#